data_7EIB
#
_entry.id   7EIB
#
_cell.length_a   1.00
_cell.length_b   1.00
_cell.length_c   1.00
_cell.angle_alpha   90.00
_cell.angle_beta   90.00
_cell.angle_gamma   90.00
#
_symmetry.space_group_name_H-M   'P 1'
#
loop_
_entity.id
_entity.type
_entity.pdbx_description
1 polymer 'B1 bradykinin receptor'
2 polymer LYS-ARG-PRO-PRO-GLY-PHE-SER-PRO-PHE
3 polymer 'G subunit q (Gi1-Gq chimeric)'
4 polymer 'Guanine nucleotide-binding protein G(I)/G(S)/G(T) subunit beta-1'
5 polymer 'Guanine nucleotide-binding protein G(I)/G(S)/G(O) subunit gamma-2'
#
loop_
_entity_poly.entity_id
_entity_poly.type
_entity_poly.pdbx_seq_one_letter_code
_entity_poly.pdbx_strand_id
1 'polypeptide(L)'
;ADLEDNWETLNDNLKVIEKADNAAQVKDALTKMRAAALDAQKATPPKLEDKSPDSPEMKDFRHGFDILVGQIDDALKLAN
EGKVKEAQAAAEQLKTTRNAYIQKYLASSWPPLELQSSNQSQLFPQNATACDNAPEAWDLLHRVLPTFIISICFFGLLGN
LFVLLVFLLPRRQLNVAEIYLANLAASDLVFVLGLPFWAENIWNQFNWPFGALLCRVINGVIKANLFISIWLVVAISQDR
YRVLVHPMASRRQQRRRQARVTCVLIWVVGGLLSIPTFLLRSIQAVPDLNITACILLLPHEAWHFARIVELNILGFLLPL
AAIVFFNYHILASLRTREEVSRTRCGGRKDSKTTALILTLVVAFLVCWAPYHFFAFLEFLFQVQAVRGCFWEDFIDLGLQ
LANFFAFTNSSLNPVIYVFVGRLFRTKVWELYKQCTPKSLAPISSSHRKEIFQLFVFTLEDFVGDWEQTAAYNLDQVLEQ
GGVSSLLQNLAVSVTPIQRIVRSGENALKIDIHVIIPYEGLSADQMAQIEEVFKVVYPVDDHHFKVILPYGTLVIDGVTP
NMLNYFGRPYEGIAVFDGKKITVTGTLWNGNKIIDERLITPDGSMLFRVTINS
;
A
2 'polypeptide(L)' KRPPGFSPF D
3 'polypeptide(L)'
;MGCTLSAEDKAAVERSKMIEKQLQKDKQVYRRTLRLLLLGADNSGKSTIVKQMRIYHVNGYSEEECKQYKAVVYSNTIQS
IIAIIRAMGRLKIDFGDSARADDARQLFVLAGAAEEGFMTAELAGVIKRLWKDSGVQACFNRSREYQLNDSAAYYLNDLD
RIAQPNYIPTQQDVLRTRVKTSGIFETKFQVDKVNFHMFDVGAQRDERRKWIQCFNDVTAIIFVVDSSDYNRLQEALNDF
KSIWNNRWLRTISVILFLNKQDLLAEKVLAGKSKIEDYFPEFARYTTPEDATPEPGEDPRVTRAKYFIRKEFVDISTASG
DGRHICYPHFTCSVDTENARRIFNDCKDIILQMNLREYNLV
;
B
4 'polypeptide(L)'
;MHHHHHHGSLLQSELDQLRQEAEQLKNQIRDARKACADATLSQITNNIDPVGRIQMRTRRTLRGHLAKIYAMHWGTDSRL
LVSASQDGKLIIWDSYTTNKVHAIPLRSSWVMTCAYAPSGNYVACGGLDNICSIYNLKTREGNVRVSRELAGHTGYLSCC
RFLDDNQIVTSSGDTTCALWDIETGQQTTTFTGHTGDVMSLSLAPDTRLFVSGACDASAKLWDVREGMCRQTFTGHESDI
NAICFFPNGNAFATGSDDATCRLFDLRADQELMTYSHDNIICGITSVSFSKSGRLLLAGYDDFNCNVWDALKADRAGVLA
GHDNRVSCLGVTDDGMAVATGSWDSFLKIWNGSSGGGGSGGGGSSGVSGWRLFKKIS
;
C
5 'polypeptide(L)' MASNNTASIAQARKLVEQLKMEANIDRIKVSKAAADLMAYCEAHAKEDPLLTPVPASENPFREKKFFCAIL E
#
# COMPACT_ATOMS: atom_id res chain seq x y z
N PRO A 135 20.63 -43.42 -39.31
CA PRO A 135 21.88 -42.78 -38.90
C PRO A 135 22.09 -42.76 -37.39
N GLU A 136 23.36 -42.78 -36.98
CA GLU A 136 23.72 -42.83 -35.57
C GLU A 136 23.06 -41.70 -34.79
N ALA A 137 23.02 -40.50 -35.38
CA ALA A 137 22.47 -39.34 -34.69
C ALA A 137 21.04 -39.58 -34.20
N TRP A 138 20.23 -40.31 -34.97
CA TRP A 138 18.88 -40.61 -34.51
C TRP A 138 18.89 -41.54 -33.31
N ASP A 139 19.76 -42.55 -33.32
CA ASP A 139 19.88 -43.44 -32.16
C ASP A 139 20.25 -42.63 -30.91
N LEU A 140 21.25 -41.77 -31.04
CA LEU A 140 21.64 -40.89 -29.93
C LEU A 140 20.48 -40.02 -29.48
N LEU A 141 19.77 -39.41 -30.43
CA LEU A 141 18.61 -38.57 -30.11
C LEU A 141 17.56 -39.34 -29.32
N HIS A 142 17.20 -40.52 -29.80
CA HIS A 142 16.25 -41.36 -29.07
C HIS A 142 16.75 -41.68 -27.67
N ARG A 143 18.05 -41.86 -27.51
CA ARG A 143 18.60 -42.14 -26.18
C ARG A 143 18.55 -40.93 -25.26
N VAL A 144 19.01 -39.77 -25.71
CA VAL A 144 19.26 -38.64 -24.81
C VAL A 144 18.12 -37.63 -24.77
N LEU A 145 17.45 -37.35 -25.89
CA LEU A 145 16.56 -36.20 -25.94
C LEU A 145 15.36 -36.25 -24.99
N PRO A 146 14.79 -37.41 -24.63
CA PRO A 146 13.78 -37.40 -23.56
C PRO A 146 14.26 -36.83 -22.25
N THR A 147 15.54 -36.99 -21.89
CA THR A 147 16.01 -36.44 -20.62
C THR A 147 16.02 -34.92 -20.67
N PHE A 148 16.46 -34.36 -21.79
CA PHE A 148 16.44 -32.92 -22.02
C PHE A 148 15.02 -32.37 -21.99
N ILE A 149 14.10 -33.08 -22.64
CA ILE A 149 12.68 -32.70 -22.63
C ILE A 149 12.12 -32.71 -21.22
N ILE A 150 12.34 -33.81 -20.48
CA ILE A 150 11.84 -33.93 -19.12
C ILE A 150 12.43 -32.86 -18.21
N SER A 151 13.69 -32.52 -18.39
CA SER A 151 14.32 -31.45 -17.60
C SER A 151 13.69 -30.10 -17.89
N ILE A 152 13.50 -29.75 -19.16
CA ILE A 152 12.83 -28.49 -19.50
C ILE A 152 11.40 -28.47 -19.00
N CYS A 153 10.69 -29.59 -19.08
CA CYS A 153 9.37 -29.70 -18.47
C CYS A 153 9.41 -29.44 -16.96
N PHE A 154 10.37 -30.05 -16.28
CA PHE A 154 10.46 -29.90 -14.82
C PHE A 154 10.73 -28.47 -14.42
N PHE A 155 11.78 -27.86 -14.97
CA PHE A 155 12.05 -26.45 -14.70
C PHE A 155 10.92 -25.52 -15.11
N GLY A 156 10.22 -25.82 -16.22
CA GLY A 156 9.08 -25.01 -16.61
C GLY A 156 7.92 -25.06 -15.62
N LEU A 157 7.59 -26.27 -15.18
CA LEU A 157 6.56 -26.42 -14.14
C LEU A 157 6.99 -25.71 -12.87
N LEU A 158 8.23 -25.95 -12.41
CA LEU A 158 8.70 -25.35 -11.17
C LEU A 158 8.61 -23.83 -11.22
N GLY A 159 9.18 -23.22 -12.27
CA GLY A 159 9.17 -21.77 -12.39
C GLY A 159 7.78 -21.18 -12.50
N ASN A 160 6.94 -21.74 -13.37
CA ASN A 160 5.63 -21.12 -13.58
C ASN A 160 4.70 -21.35 -12.41
N LEU A 161 4.78 -22.51 -11.76
CA LEU A 161 4.05 -22.73 -10.51
C LEU A 161 4.50 -21.76 -9.43
N PHE A 162 5.82 -21.53 -9.29
CA PHE A 162 6.29 -20.55 -8.31
C PHE A 162 5.75 -19.16 -8.58
N VAL A 163 5.82 -18.69 -9.84
CA VAL A 163 5.18 -17.43 -10.22
C VAL A 163 3.72 -17.41 -9.78
N LEU A 164 2.95 -18.42 -10.22
CA LEU A 164 1.51 -18.42 -9.99
C LEU A 164 1.21 -18.42 -8.49
N LEU A 165 1.98 -19.15 -7.71
CA LEU A 165 1.78 -19.17 -6.27
C LEU A 165 2.03 -17.79 -5.68
N VAL A 166 3.19 -17.21 -5.96
CA VAL A 166 3.58 -15.98 -5.28
C VAL A 166 2.66 -14.83 -5.66
N PHE A 167 2.09 -14.85 -6.87
CA PHE A 167 1.00 -13.91 -7.17
C PHE A 167 -0.32 -14.28 -6.51
N LEU A 168 -0.85 -15.47 -6.76
CA LEU A 168 -2.22 -15.79 -6.42
C LEU A 168 -2.43 -16.24 -4.99
N LEU A 169 -1.37 -16.51 -4.23
CA LEU A 169 -1.56 -16.88 -2.82
C LEU A 169 -2.25 -15.78 -2.03
N PRO A 170 -1.82 -14.51 -2.08
CA PRO A 170 -2.69 -13.42 -1.59
C PRO A 170 -3.81 -13.12 -2.59
N ARG A 171 -4.85 -13.97 -2.52
CA ARG A 171 -5.77 -14.18 -3.62
C ARG A 171 -6.42 -12.89 -4.11
N ARG A 172 -6.74 -11.96 -3.20
CA ARG A 172 -7.78 -10.98 -3.48
C ARG A 172 -7.40 -9.92 -4.50
N GLN A 173 -6.10 -9.63 -4.73
CA GLN A 173 -5.81 -8.54 -5.65
C GLN A 173 -4.45 -8.73 -6.30
N LEU A 174 -4.29 -8.14 -7.50
CA LEU A 174 -3.10 -8.22 -8.32
C LEU A 174 -2.88 -6.89 -9.03
N ASN A 175 -1.61 -6.58 -9.31
CA ASN A 175 -1.29 -5.45 -10.18
C ASN A 175 -1.69 -5.75 -11.62
N VAL A 176 -1.83 -4.69 -12.41
CA VAL A 176 -2.08 -4.85 -13.84
C VAL A 176 -0.95 -5.60 -14.52
N ALA A 177 0.29 -5.27 -14.16
CA ALA A 177 1.45 -6.04 -14.62
C ALA A 177 1.33 -7.51 -14.23
N GLU A 178 0.89 -7.78 -12.99
CA GLU A 178 0.74 -9.16 -12.54
C GLU A 178 -0.37 -9.89 -13.26
N ILE A 179 -1.32 -9.19 -13.86
CA ILE A 179 -2.34 -9.84 -14.69
C ILE A 179 -1.68 -10.50 -15.90
N TYR A 180 -0.93 -9.71 -16.68
CA TYR A 180 -0.18 -10.26 -17.80
C TYR A 180 0.81 -11.32 -17.36
N LEU A 181 1.53 -11.09 -16.26
CA LEU A 181 2.55 -12.06 -15.86
C LEU A 181 1.93 -13.37 -15.40
N ALA A 182 0.78 -13.33 -14.73
CA ALA A 182 0.10 -14.56 -14.34
C ALA A 182 -0.46 -15.28 -15.56
N ASN A 183 -1.06 -14.55 -16.49
CA ASN A 183 -1.49 -15.16 -17.75
C ASN A 183 -0.32 -15.84 -18.47
N LEU A 184 0.83 -15.17 -18.52
CA LEU A 184 2.02 -15.75 -19.16
C LEU A 184 2.50 -17.00 -18.44
N ALA A 185 2.58 -16.96 -17.12
CA ALA A 185 2.99 -18.15 -16.37
C ALA A 185 2.04 -19.32 -16.57
N ALA A 186 0.74 -19.05 -16.61
CA ALA A 186 -0.23 -20.11 -16.91
C ALA A 186 -0.06 -20.65 -18.31
N SER A 187 0.13 -19.77 -19.29
CA SER A 187 0.37 -20.21 -20.66
C SER A 187 1.61 -21.09 -20.78
N ASP A 188 2.72 -20.68 -20.15
CA ASP A 188 3.92 -21.51 -20.18
C ASP A 188 3.79 -22.79 -19.37
N LEU A 189 2.91 -22.81 -18.36
CA LEU A 189 2.63 -24.03 -17.62
C LEU A 189 1.92 -25.04 -18.51
N VAL A 190 0.79 -24.63 -19.08
CA VAL A 190 0.06 -25.51 -20.00
C VAL A 190 0.93 -25.87 -21.20
N PHE A 191 1.84 -24.97 -21.59
CA PHE A 191 2.74 -25.24 -22.70
C PHE A 191 3.65 -26.44 -22.40
N VAL A 192 4.35 -26.41 -21.26
CA VAL A 192 5.20 -27.54 -20.92
C VAL A 192 4.42 -28.76 -20.44
N LEU A 193 3.14 -28.59 -20.10
CA LEU A 193 2.34 -29.71 -19.62
C LEU A 193 2.24 -30.85 -20.64
N GLY A 194 2.35 -30.55 -21.94
CA GLY A 194 2.37 -31.57 -22.97
C GLY A 194 3.68 -32.29 -23.22
N LEU A 195 4.78 -31.87 -22.60
CA LEU A 195 6.07 -32.47 -22.92
C LEU A 195 6.29 -33.91 -22.48
N PRO A 196 5.79 -34.35 -21.31
CA PRO A 196 6.07 -35.75 -20.90
C PRO A 196 5.57 -36.79 -21.88
N PHE A 197 4.43 -36.54 -22.54
CA PHE A 197 3.96 -37.43 -23.58
C PHE A 197 4.95 -37.50 -24.75
N TRP A 198 5.58 -36.38 -25.10
CA TRP A 198 6.57 -36.42 -26.17
C TRP A 198 7.88 -37.08 -25.73
N ALA A 199 8.27 -36.90 -24.48
CA ALA A 199 9.40 -37.67 -23.95
C ALA A 199 9.13 -39.18 -24.05
N GLU A 200 7.95 -39.61 -23.61
CA GLU A 200 7.53 -41.00 -23.73
C GLU A 200 7.03 -41.36 -25.14
N ASN A 201 7.15 -40.46 -26.09
CA ASN A 201 7.07 -40.80 -27.51
C ASN A 201 8.43 -41.00 -28.14
N ILE A 202 9.44 -40.23 -27.71
CA ILE A 202 10.77 -40.42 -28.26
C ILE A 202 11.42 -41.65 -27.64
N TRP A 203 11.23 -41.86 -26.34
CA TRP A 203 11.23 -43.22 -25.86
C TRP A 203 10.00 -43.90 -26.46
N ASN A 204 10.14 -45.16 -26.88
CA ASN A 204 9.27 -45.80 -27.87
C ASN A 204 9.48 -45.28 -29.29
N GLN A 205 10.54 -44.49 -29.50
CA GLN A 205 11.12 -44.29 -30.83
C GLN A 205 10.12 -43.69 -31.82
N PHE A 206 9.39 -42.68 -31.36
CA PHE A 206 8.29 -42.02 -32.07
C PHE A 206 7.12 -42.94 -32.42
N ASN A 207 7.11 -44.19 -31.95
CA ASN A 207 5.94 -45.04 -32.14
C ASN A 207 4.87 -44.64 -31.13
N TRP A 208 4.03 -43.66 -31.52
CA TRP A 208 3.11 -42.93 -30.65
C TRP A 208 2.27 -43.86 -29.78
N PRO A 209 2.48 -43.86 -28.47
CA PRO A 209 1.80 -44.85 -27.62
C PRO A 209 0.33 -44.52 -27.36
N PHE A 210 0.00 -43.24 -27.37
CA PHE A 210 -1.30 -42.79 -26.93
C PHE A 210 -2.33 -42.87 -28.06
N GLY A 211 -3.59 -42.65 -27.72
CA GLY A 211 -4.64 -42.65 -28.71
C GLY A 211 -4.56 -41.51 -29.71
N ALA A 212 -5.31 -41.67 -30.79
CA ALA A 212 -5.45 -40.65 -31.82
C ALA A 212 -6.05 -39.36 -31.28
N LEU A 213 -6.97 -39.46 -30.32
CA LEU A 213 -7.50 -38.27 -29.67
C LEU A 213 -6.41 -37.54 -28.89
N LEU A 214 -5.60 -38.25 -28.12
CA LEU A 214 -4.51 -37.58 -27.42
C LEU A 214 -3.49 -37.00 -28.39
N CYS A 215 -3.27 -37.67 -29.53
CA CYS A 215 -2.45 -37.11 -30.61
C CYS A 215 -2.99 -35.78 -31.12
N ARG A 216 -4.31 -35.65 -31.25
CA ARG A 216 -4.88 -34.35 -31.60
C ARG A 216 -4.80 -33.34 -30.46
N VAL A 217 -5.08 -33.77 -29.24
CA VAL A 217 -5.24 -32.84 -28.12
C VAL A 217 -3.90 -32.28 -27.66
N ILE A 218 -2.90 -33.14 -27.49
CA ILE A 218 -1.62 -32.66 -26.97
C ILE A 218 -1.00 -31.67 -27.94
N ASN A 219 -0.87 -32.05 -29.20
CA ASN A 219 -0.26 -31.15 -30.18
C ASN A 219 -1.13 -29.92 -30.44
N GLY A 220 -2.45 -30.02 -30.25
CA GLY A 220 -3.29 -28.85 -30.25
C GLY A 220 -3.00 -27.86 -29.14
N VAL A 221 -2.95 -28.32 -27.89
CA VAL A 221 -2.65 -27.43 -26.78
C VAL A 221 -1.22 -26.89 -26.86
N ILE A 222 -0.30 -27.63 -27.49
CA ILE A 222 1.12 -27.17 -27.66
C ILE A 222 1.19 -26.08 -28.75
N LYS A 223 0.42 -26.17 -29.82
CA LYS A 223 0.44 -25.04 -30.79
C LYS A 223 -0.38 -23.89 -30.22
N ALA A 224 -1.46 -24.16 -29.49
CA ALA A 224 -2.19 -23.03 -28.92
C ALA A 224 -1.34 -22.22 -27.95
N ASN A 225 -0.66 -22.89 -27.02
CA ASN A 225 0.09 -22.18 -26.01
C ASN A 225 1.38 -21.58 -26.55
N LEU A 226 1.88 -22.07 -27.68
CA LEU A 226 2.91 -21.33 -28.40
C LEU A 226 2.45 -19.92 -28.73
N PHE A 227 1.29 -19.82 -29.39
CA PHE A 227 0.76 -18.51 -29.76
C PHE A 227 0.43 -17.69 -28.53
N ILE A 228 -0.22 -18.32 -27.54
CA ILE A 228 -0.67 -17.54 -26.38
C ILE A 228 0.52 -17.00 -25.60
N SER A 229 1.55 -17.82 -25.38
CA SER A 229 2.73 -17.36 -24.65
C SER A 229 3.46 -16.25 -25.40
N ILE A 230 3.68 -16.43 -26.70
CA ILE A 230 4.40 -15.43 -27.46
C ILE A 230 3.61 -14.12 -27.52
N TRP A 231 2.32 -14.19 -27.79
CA TRP A 231 1.56 -12.95 -27.88
C TRP A 231 1.34 -12.31 -26.51
N LEU A 232 1.34 -13.09 -25.43
CA LEU A 232 1.39 -12.46 -24.10
C LEU A 232 2.70 -11.75 -23.80
N VAL A 233 3.84 -12.24 -24.28
CA VAL A 233 5.04 -11.42 -24.12
C VAL A 233 5.03 -10.22 -25.06
N VAL A 234 4.31 -10.30 -26.17
CA VAL A 234 3.98 -9.08 -26.93
C VAL A 234 3.15 -8.13 -26.09
N ALA A 235 2.08 -8.63 -25.48
CA ALA A 235 1.16 -7.77 -24.75
C ALA A 235 1.86 -7.10 -23.57
N ILE A 236 2.71 -7.86 -22.87
CA ILE A 236 3.59 -7.28 -21.85
C ILE A 236 4.44 -6.17 -22.42
N SER A 237 5.14 -6.42 -23.53
CA SER A 237 6.00 -5.38 -24.09
C SER A 237 5.21 -4.15 -24.55
N GLN A 238 4.00 -4.33 -25.05
CA GLN A 238 3.14 -3.21 -25.41
C GLN A 238 2.73 -2.41 -24.17
N ASP A 239 2.23 -3.08 -23.15
CA ASP A 239 1.80 -2.40 -21.94
C ASP A 239 2.96 -1.68 -21.29
N ARG A 240 4.09 -2.36 -21.17
CA ARG A 240 5.33 -1.79 -20.66
C ARG A 240 5.79 -0.57 -21.45
N TYR A 241 5.62 -0.58 -22.77
CA TYR A 241 5.86 0.62 -23.57
C TYR A 241 4.89 1.75 -23.20
N ARG A 242 3.60 1.45 -23.15
CA ARG A 242 2.62 2.47 -22.79
C ARG A 242 2.89 3.03 -21.40
N VAL A 243 3.36 2.19 -20.50
CA VAL A 243 3.57 2.50 -19.09
C VAL A 243 4.89 3.20 -18.80
N LEU A 244 5.90 3.05 -19.65
CA LEU A 244 7.19 3.66 -19.39
C LEU A 244 7.55 4.78 -20.36
N VAL A 245 7.06 4.74 -21.59
CA VAL A 245 7.28 5.83 -22.52
C VAL A 245 6.21 6.92 -22.40
N HIS A 246 5.04 6.59 -21.87
CA HIS A 246 3.96 7.57 -21.65
C HIS A 246 3.41 7.45 -20.23
N PRO A 247 4.24 7.72 -19.21
CA PRO A 247 3.87 7.38 -17.83
C PRO A 247 2.63 8.10 -17.32
N MET A 248 2.31 9.28 -17.86
CA MET A 248 1.16 10.08 -17.45
C MET A 248 -0.11 9.66 -18.19
N ALA A 249 -0.04 9.50 -19.51
CA ALA A 249 -1.21 9.04 -20.24
C ALA A 249 -1.60 7.64 -19.80
N SER A 250 -0.62 6.76 -19.57
CA SER A 250 -0.93 5.46 -19.00
C SER A 250 -1.35 5.53 -17.54
N ARG A 251 -1.23 6.70 -16.91
CA ARG A 251 -1.88 6.92 -15.62
C ARG A 251 -3.36 7.20 -15.80
N ARG A 252 -3.70 8.00 -16.82
CA ARG A 252 -5.08 8.37 -17.05
C ARG A 252 -5.89 7.26 -17.74
N GLN A 253 -5.30 6.61 -18.74
CA GLN A 253 -5.95 5.50 -19.43
C GLN A 253 -6.35 4.37 -18.48
N GLN A 254 -7.50 3.75 -18.76
CA GLN A 254 -8.07 2.64 -17.99
C GLN A 254 -7.41 1.34 -18.44
N ARG A 255 -6.18 1.15 -17.98
CA ARG A 255 -5.35 0.02 -18.40
C ARG A 255 -5.92 -1.34 -17.97
N ARG A 256 -6.42 -1.45 -16.74
CA ARG A 256 -6.75 -2.77 -16.20
C ARG A 256 -7.84 -3.49 -17.00
N ARG A 257 -8.76 -2.73 -17.57
CA ARG A 257 -9.77 -3.29 -18.47
C ARG A 257 -9.13 -3.77 -19.76
N GLN A 258 -8.34 -2.91 -20.40
CA GLN A 258 -7.60 -3.30 -21.59
C GLN A 258 -6.70 -4.50 -21.34
N ALA A 259 -6.12 -4.60 -20.14
CA ALA A 259 -5.31 -5.78 -19.79
C ALA A 259 -6.12 -7.07 -19.73
N ARG A 260 -7.21 -7.08 -18.96
CA ARG A 260 -8.06 -8.28 -18.91
C ARG A 260 -8.62 -8.65 -20.28
N VAL A 261 -9.17 -7.67 -21.00
CA VAL A 261 -9.71 -7.91 -22.34
C VAL A 261 -8.63 -8.47 -23.26
N THR A 262 -7.45 -7.85 -23.27
CA THR A 262 -6.39 -8.29 -24.18
C THR A 262 -5.93 -9.71 -23.87
N CYS A 263 -5.68 -10.01 -22.60
CA CYS A 263 -5.17 -11.34 -22.28
C CYS A 263 -6.19 -12.43 -22.55
N VAL A 264 -7.47 -12.23 -22.20
CA VAL A 264 -8.45 -13.27 -22.52
C VAL A 264 -8.74 -13.36 -24.02
N LEU A 265 -8.73 -12.24 -24.74
CA LEU A 265 -8.80 -12.27 -26.20
C LEU A 265 -7.63 -13.04 -26.81
N ILE A 266 -6.42 -12.90 -26.24
CA ILE A 266 -5.28 -13.67 -26.72
C ILE A 266 -5.46 -15.16 -26.47
N TRP A 267 -5.91 -15.53 -25.27
CA TRP A 267 -6.23 -16.94 -25.01
C TRP A 267 -7.25 -17.50 -26.01
N VAL A 268 -8.27 -16.71 -26.34
CA VAL A 268 -9.25 -17.13 -27.34
C VAL A 268 -8.62 -17.30 -28.72
N VAL A 269 -7.99 -16.26 -29.23
CA VAL A 269 -7.44 -16.30 -30.59
C VAL A 269 -6.35 -17.35 -30.72
N GLY A 270 -5.54 -17.56 -29.68
CA GLY A 270 -4.59 -18.66 -29.68
C GLY A 270 -5.22 -20.04 -29.64
N GLY A 271 -6.37 -20.17 -28.96
CA GLY A 271 -7.17 -21.38 -29.12
C GLY A 271 -7.61 -21.60 -30.55
N LEU A 272 -8.23 -20.57 -31.15
CA LEU A 272 -8.76 -20.70 -32.51
C LEU A 272 -7.67 -21.02 -33.53
N LEU A 273 -6.52 -20.34 -33.44
CA LEU A 273 -5.40 -20.65 -34.33
C LEU A 273 -4.83 -22.05 -34.14
N SER A 274 -5.16 -22.74 -33.06
CA SER A 274 -4.75 -24.13 -32.89
C SER A 274 -5.69 -25.13 -33.53
N ILE A 275 -6.92 -24.72 -33.83
CA ILE A 275 -7.89 -25.64 -34.45
C ILE A 275 -7.33 -26.37 -35.67
N PRO A 276 -6.63 -25.71 -36.61
CA PRO A 276 -5.97 -26.46 -37.69
C PRO A 276 -5.08 -27.61 -37.23
N THR A 277 -4.39 -27.46 -36.11
CA THR A 277 -3.59 -28.57 -35.59
C THR A 277 -4.48 -29.69 -35.04
N PHE A 278 -5.53 -29.34 -34.29
CA PHE A 278 -6.47 -30.36 -33.82
C PHE A 278 -7.08 -31.14 -34.97
N LEU A 279 -7.37 -30.47 -36.08
CA LEU A 279 -7.98 -31.12 -37.24
C LEU A 279 -6.99 -31.96 -38.04
N LEU A 280 -5.78 -31.46 -38.29
CA LEU A 280 -4.88 -32.12 -39.23
C LEU A 280 -3.88 -33.07 -38.58
N ARG A 281 -3.64 -32.96 -37.28
CA ARG A 281 -2.78 -33.93 -36.61
C ARG A 281 -3.45 -35.30 -36.53
N SER A 282 -2.77 -36.33 -37.04
CA SER A 282 -3.34 -37.68 -37.06
C SER A 282 -2.21 -38.70 -36.99
N ILE A 283 -2.54 -39.87 -36.46
CA ILE A 283 -1.62 -41.00 -36.47
C ILE A 283 -1.59 -41.62 -37.86
N GLN A 284 -0.39 -41.81 -38.40
CA GLN A 284 -0.20 -42.50 -39.67
C GLN A 284 1.01 -43.40 -39.56
N ALA A 285 1.01 -44.47 -40.36
CA ALA A 285 2.20 -45.28 -40.52
C ALA A 285 3.27 -44.52 -41.28
N VAL A 286 4.53 -44.74 -40.90
CA VAL A 286 5.69 -44.24 -41.62
C VAL A 286 6.52 -45.42 -42.07
N PRO A 287 6.42 -45.81 -43.34
CA PRO A 287 6.97 -47.12 -43.76
C PRO A 287 8.50 -47.15 -43.74
N ASP A 288 9.16 -46.02 -44.01
CA ASP A 288 10.62 -45.96 -43.97
C ASP A 288 11.17 -46.23 -42.57
N LEU A 289 10.34 -46.09 -41.54
CA LEU A 289 10.78 -46.22 -40.16
C LEU A 289 10.06 -47.33 -39.41
N ASN A 290 9.00 -47.89 -39.98
CA ASN A 290 8.22 -48.97 -39.37
C ASN A 290 7.68 -48.55 -38.00
N ILE A 291 7.01 -47.40 -37.97
CA ILE A 291 6.41 -46.84 -36.76
C ILE A 291 5.10 -46.19 -37.16
N THR A 292 4.20 -46.07 -36.19
CA THR A 292 3.07 -45.17 -36.28
C THR A 292 3.39 -43.89 -35.51
N ALA A 293 3.42 -42.76 -36.21
CA ALA A 293 3.82 -41.49 -35.64
C ALA A 293 2.69 -40.49 -35.71
N CYS A 294 2.67 -39.58 -34.74
CA CYS A 294 1.63 -38.55 -34.67
C CYS A 294 2.08 -37.36 -35.52
N ILE A 295 1.46 -37.20 -36.68
CA ILE A 295 1.99 -36.34 -37.74
C ILE A 295 0.86 -35.48 -38.30
N LEU A 296 1.23 -34.41 -39.00
CA LEU A 296 0.28 -33.60 -39.73
C LEU A 296 -0.07 -34.28 -41.06
N LEU A 297 -1.29 -34.78 -41.17
CA LEU A 297 -1.82 -35.33 -42.41
C LEU A 297 -2.30 -34.20 -43.31
N LEU A 298 -1.34 -33.39 -43.77
CA LEU A 298 -1.65 -32.20 -44.54
C LEU A 298 -2.34 -32.56 -45.86
N PRO A 299 -3.61 -32.18 -46.03
CA PRO A 299 -4.39 -32.72 -47.14
C PRO A 299 -4.00 -32.16 -48.50
N HIS A 300 -3.32 -31.02 -48.56
CA HIS A 300 -2.87 -30.49 -49.84
C HIS A 300 -1.64 -29.62 -49.60
N GLU A 301 -0.85 -29.44 -50.67
CA GLU A 301 0.39 -28.70 -50.56
C GLU A 301 0.17 -27.23 -50.21
N ALA A 302 -1.01 -26.68 -50.50
CA ALA A 302 -1.37 -25.36 -50.00
C ALA A 302 -1.23 -25.25 -48.49
N TRP A 303 -1.47 -26.35 -47.77
CA TRP A 303 -1.31 -26.34 -46.32
C TRP A 303 0.14 -26.24 -45.87
N HIS A 304 1.11 -26.53 -46.74
CA HIS A 304 2.49 -26.20 -46.39
C HIS A 304 2.72 -24.69 -46.37
N PHE A 305 2.18 -23.97 -47.36
CA PHE A 305 2.26 -22.51 -47.34
C PHE A 305 1.48 -21.93 -46.16
N ALA A 306 0.28 -22.44 -45.91
CA ALA A 306 -0.50 -21.99 -44.75
C ALA A 306 0.23 -22.29 -43.43
N ARG A 307 0.82 -23.46 -43.32
CA ARG A 307 1.54 -23.82 -42.07
C ARG A 307 2.74 -22.90 -41.91
N ILE A 308 3.53 -22.70 -42.95
CA ILE A 308 4.74 -21.90 -42.77
C ILE A 308 4.41 -20.42 -42.58
N VAL A 309 3.38 -19.92 -43.27
CA VAL A 309 2.97 -18.53 -43.06
C VAL A 309 2.48 -18.31 -41.64
N GLU A 310 1.63 -19.19 -41.14
CA GLU A 310 1.13 -18.99 -39.79
C GLU A 310 2.22 -19.19 -38.75
N LEU A 311 3.00 -20.27 -38.89
CA LEU A 311 3.97 -20.61 -37.86
C LEU A 311 5.16 -19.67 -37.84
N ASN A 312 5.82 -19.46 -38.97
CA ASN A 312 6.92 -18.50 -38.92
C ASN A 312 6.41 -17.07 -38.81
N ILE A 313 5.50 -16.64 -39.67
CA ILE A 313 5.26 -15.21 -39.74
C ILE A 313 4.46 -14.75 -38.53
N LEU A 314 3.33 -15.41 -38.23
CA LEU A 314 2.60 -15.02 -37.03
C LEU A 314 3.34 -15.41 -35.76
N GLY A 315 3.82 -16.64 -35.64
CA GLY A 315 4.35 -17.04 -34.35
C GLY A 315 5.68 -16.39 -34.02
N PHE A 316 6.69 -16.53 -34.89
CA PHE A 316 7.94 -15.82 -34.68
C PHE A 316 7.98 -14.36 -35.18
N LEU A 317 7.67 -14.12 -36.47
CA LEU A 317 8.19 -12.91 -37.09
C LEU A 317 7.44 -11.63 -36.72
N LEU A 318 6.10 -11.69 -36.66
CA LEU A 318 5.34 -10.50 -36.28
C LEU A 318 5.58 -10.10 -34.83
N PRO A 319 5.54 -11.03 -33.87
CA PRO A 319 5.78 -10.64 -32.48
C PRO A 319 7.22 -10.26 -32.20
N LEU A 320 8.20 -10.85 -32.89
CA LEU A 320 9.56 -10.34 -32.79
C LEU A 320 9.60 -8.86 -33.15
N ALA A 321 9.03 -8.51 -34.30
CA ALA A 321 9.04 -7.12 -34.75
C ALA A 321 8.35 -6.19 -33.76
N ALA A 322 7.21 -6.62 -33.22
CA ALA A 322 6.54 -5.82 -32.19
C ALA A 322 7.35 -5.69 -30.91
N ILE A 323 7.92 -6.79 -30.42
CA ILE A 323 8.74 -6.77 -29.22
C ILE A 323 9.93 -5.84 -29.39
N VAL A 324 10.61 -5.93 -30.54
CA VAL A 324 11.75 -5.06 -30.78
C VAL A 324 11.34 -3.60 -30.89
N PHE A 325 10.22 -3.31 -31.56
CA PHE A 325 9.69 -1.95 -31.59
C PHE A 325 9.44 -1.39 -30.19
N PHE A 326 8.65 -2.10 -29.39
CA PHE A 326 8.32 -1.59 -28.06
C PHE A 326 9.55 -1.48 -27.16
N ASN A 327 10.39 -2.51 -27.14
CA ASN A 327 11.56 -2.48 -26.27
C ASN A 327 12.64 -1.51 -26.75
N TYR A 328 12.65 -1.16 -28.05
CA TYR A 328 13.50 -0.07 -28.51
C TYR A 328 13.00 1.27 -28.01
N HIS A 329 11.71 1.54 -28.15
CA HIS A 329 11.20 2.82 -27.65
C HIS A 329 11.35 2.94 -26.15
N ILE A 330 11.18 1.83 -25.42
CA ILE A 330 11.44 1.81 -23.99
C ILE A 330 12.90 2.12 -23.71
N LEU A 331 13.82 1.39 -24.34
CA LEU A 331 15.22 1.54 -24.02
C LEU A 331 15.74 2.92 -24.38
N ALA A 332 15.30 3.48 -25.52
CA ALA A 332 15.61 4.87 -25.86
C ALA A 332 15.07 5.87 -24.83
N SER A 333 13.88 5.63 -24.29
CA SER A 333 13.37 6.53 -23.26
C SER A 333 14.14 6.41 -21.96
N LEU A 334 14.51 5.20 -21.56
CA LEU A 334 15.30 5.01 -20.36
C LEU A 334 16.73 5.52 -20.52
N ARG A 335 17.31 5.40 -21.72
CA ARG A 335 18.56 6.11 -22.02
C ARG A 335 18.43 7.62 -21.83
N THR A 336 17.34 8.21 -22.31
CA THR A 336 17.14 9.65 -22.10
C THR A 336 17.00 9.99 -20.62
N ARG A 337 16.23 9.19 -19.89
CA ARG A 337 16.09 9.37 -18.45
C ARG A 337 17.43 9.24 -17.74
N GLU A 338 18.24 8.26 -18.11
CA GLU A 338 19.56 8.12 -17.49
C GLU A 338 20.44 9.31 -17.82
N GLU A 339 20.35 9.80 -19.06
CA GLU A 339 21.18 10.92 -19.47
C GLU A 339 20.88 12.16 -18.64
N VAL A 340 19.61 12.47 -18.44
CA VAL A 340 19.25 13.61 -17.59
C VAL A 340 19.52 13.31 -16.11
N SER A 341 19.23 12.10 -15.65
CA SER A 341 19.43 11.73 -14.26
C SER A 341 20.91 11.82 -13.83
N ARG A 342 21.83 11.49 -14.74
CA ARG A 342 23.24 11.50 -14.38
C ARG A 342 23.74 12.90 -14.00
N THR A 343 23.11 13.94 -14.54
CA THR A 343 23.57 15.30 -14.26
C THR A 343 23.51 15.61 -12.77
N ARG A 344 22.44 15.19 -12.10
CA ARG A 344 22.29 15.44 -10.67
C ARG A 344 22.60 14.18 -9.86
N SER A 351 22.70 -0.38 -14.79
CA SER A 351 22.01 -0.40 -16.07
C SER A 351 21.05 -1.58 -16.15
N LYS A 352 20.65 -2.08 -14.97
CA LYS A 352 19.90 -3.33 -14.87
C LYS A 352 18.72 -3.35 -15.84
N THR A 353 17.95 -2.28 -15.89
CA THR A 353 16.76 -2.24 -16.73
C THR A 353 17.10 -2.42 -18.21
N THR A 354 18.16 -1.75 -18.69
CA THR A 354 18.61 -1.96 -20.06
C THR A 354 19.07 -3.39 -20.30
N ALA A 355 19.74 -3.99 -19.32
CA ALA A 355 20.15 -5.39 -19.43
C ALA A 355 18.94 -6.32 -19.55
N LEU A 356 17.92 -6.11 -18.72
CA LEU A 356 16.71 -6.92 -18.82
C LEU A 356 15.98 -6.72 -20.15
N ILE A 357 15.82 -5.47 -20.57
CA ILE A 357 15.11 -5.20 -21.83
C ILE A 357 15.82 -5.81 -23.02
N LEU A 358 17.16 -5.78 -23.04
CA LEU A 358 17.88 -6.53 -24.08
C LEU A 358 17.79 -8.05 -23.89
N THR A 359 17.78 -8.51 -22.64
CA THR A 359 17.65 -9.94 -22.37
C THR A 359 16.32 -10.51 -22.85
N LEU A 360 15.26 -9.70 -22.85
CA LEU A 360 14.00 -10.14 -23.47
C LEU A 360 14.19 -10.51 -24.93
N VAL A 361 14.76 -9.61 -25.72
CA VAL A 361 14.95 -9.86 -27.15
C VAL A 361 15.92 -11.00 -27.39
N VAL A 362 17.02 -11.04 -26.63
CA VAL A 362 17.99 -12.13 -26.77
C VAL A 362 17.37 -13.49 -26.45
N ALA A 363 16.64 -13.58 -25.33
CA ALA A 363 15.99 -14.83 -24.96
C ALA A 363 14.94 -15.23 -25.99
N PHE A 364 14.17 -14.28 -26.50
CA PHE A 364 13.17 -14.60 -27.52
C PHE A 364 13.82 -15.15 -28.78
N LEU A 365 14.90 -14.53 -29.25
CA LEU A 365 15.58 -15.04 -30.43
C LEU A 365 16.23 -16.40 -30.17
N VAL A 366 16.92 -16.55 -29.04
CA VAL A 366 17.55 -17.82 -28.69
C VAL A 366 16.53 -18.96 -28.61
N CYS A 367 15.37 -18.72 -28.03
CA CYS A 367 14.36 -19.76 -27.97
C CYS A 367 13.73 -20.04 -29.34
N TRP A 368 13.32 -19.01 -30.07
CA TRP A 368 12.40 -19.22 -31.18
C TRP A 368 13.04 -19.21 -32.56
N ALA A 369 14.12 -18.45 -32.78
CA ALA A 369 14.74 -18.42 -34.10
C ALA A 369 15.25 -19.78 -34.57
N PRO A 370 15.85 -20.64 -33.73
CA PRO A 370 16.36 -21.92 -34.27
C PRO A 370 15.25 -22.80 -34.83
N TYR A 371 14.15 -22.94 -34.11
CA TYR A 371 13.05 -23.75 -34.63
C TYR A 371 12.48 -23.17 -35.91
N HIS A 372 12.13 -21.88 -35.91
CA HIS A 372 11.49 -21.33 -37.09
C HIS A 372 12.44 -21.28 -38.28
N PHE A 373 13.75 -21.25 -38.03
CA PHE A 373 14.75 -21.46 -39.07
C PHE A 373 14.65 -22.86 -39.67
N PHE A 374 14.70 -23.89 -38.83
CA PHE A 374 14.54 -25.25 -39.34
C PHE A 374 13.19 -25.48 -40.01
N ALA A 375 12.11 -24.91 -39.47
CA ALA A 375 10.81 -24.97 -40.11
C ALA A 375 10.81 -24.32 -41.47
N PHE A 376 11.57 -23.24 -41.64
CA PHE A 376 11.69 -22.63 -42.95
C PHE A 376 12.45 -23.53 -43.92
N LEU A 377 13.56 -24.13 -43.46
CA LEU A 377 14.26 -25.10 -44.30
C LEU A 377 13.39 -26.29 -44.67
N GLU A 378 12.53 -26.73 -43.74
CA GLU A 378 11.55 -27.76 -44.07
C GLU A 378 10.59 -27.31 -45.16
N PHE A 379 10.04 -26.10 -45.05
CA PHE A 379 9.16 -25.61 -46.09
C PHE A 379 9.86 -25.51 -47.44
N LEU A 380 11.10 -25.03 -47.44
CA LEU A 380 11.91 -25.03 -48.66
C LEU A 380 12.11 -26.43 -49.23
N PHE A 381 12.28 -27.42 -48.35
CA PHE A 381 12.37 -28.80 -48.82
C PHE A 381 11.05 -29.29 -49.42
N GLN A 382 9.92 -28.89 -48.83
CA GLN A 382 8.63 -29.19 -49.41
C GLN A 382 8.41 -28.48 -50.73
N VAL A 383 9.09 -27.36 -50.95
CA VAL A 383 9.10 -26.71 -52.26
C VAL A 383 10.18 -27.31 -53.16
N GLN A 384 11.08 -28.11 -52.59
CA GLN A 384 12.29 -28.59 -53.28
C GLN A 384 13.15 -27.44 -53.81
N ALA A 385 13.12 -26.31 -53.10
CA ALA A 385 14.16 -25.29 -53.28
C ALA A 385 15.49 -25.75 -52.69
N VAL A 386 15.45 -26.66 -51.73
CA VAL A 386 16.61 -27.40 -51.26
C VAL A 386 16.30 -28.89 -51.32
N ARG A 387 17.31 -29.69 -51.66
CA ARG A 387 17.07 -31.07 -52.02
C ARG A 387 18.35 -31.89 -51.89
N GLY A 388 18.25 -32.99 -51.17
CA GLY A 388 19.33 -33.97 -51.07
C GLY A 388 19.42 -34.60 -49.69
N CYS A 389 20.12 -35.75 -49.63
CA CYS A 389 20.24 -36.53 -48.41
C CYS A 389 20.76 -35.73 -47.23
N PHE A 390 21.72 -34.84 -47.48
CA PHE A 390 22.22 -33.94 -46.43
C PHE A 390 21.09 -33.09 -45.88
N TRP A 391 20.34 -32.44 -46.76
CA TRP A 391 19.29 -31.53 -46.31
C TRP A 391 18.22 -32.25 -45.51
N GLU A 392 17.74 -33.38 -46.01
CA GLU A 392 16.69 -34.09 -45.27
C GLU A 392 17.17 -34.63 -43.93
N ASP A 393 18.40 -35.15 -43.85
CA ASP A 393 18.96 -35.54 -42.56
C ASP A 393 19.07 -34.35 -41.61
N PHE A 394 19.62 -33.23 -42.12
CA PHE A 394 19.87 -32.04 -41.32
C PHE A 394 18.56 -31.46 -40.81
N ILE A 395 17.61 -31.25 -41.71
CA ILE A 395 16.32 -30.66 -41.35
C ILE A 395 15.62 -31.55 -40.33
N ASP A 396 15.49 -32.85 -40.63
CA ASP A 396 14.67 -33.70 -39.76
C ASP A 396 15.27 -33.79 -38.36
N LEU A 397 16.61 -33.85 -38.23
CA LEU A 397 17.21 -33.85 -36.89
C LEU A 397 17.05 -32.50 -36.21
N GLY A 398 17.37 -31.43 -36.94
CA GLY A 398 17.32 -30.09 -36.37
C GLY A 398 15.94 -29.68 -35.91
N LEU A 399 14.90 -30.05 -36.66
CA LEU A 399 13.55 -29.78 -36.19
C LEU A 399 13.30 -30.33 -34.79
N GLN A 400 13.77 -31.55 -34.53
CA GLN A 400 13.53 -32.13 -33.20
C GLN A 400 14.30 -31.34 -32.14
N LEU A 401 15.60 -31.18 -32.37
CA LEU A 401 16.44 -30.51 -31.37
C LEU A 401 15.95 -29.09 -31.11
N ALA A 402 15.72 -28.31 -32.17
CA ALA A 402 15.29 -26.93 -32.06
C ALA A 402 13.90 -26.81 -31.46
N ASN A 403 12.99 -27.70 -31.83
CA ASN A 403 11.63 -27.66 -31.29
C ASN A 403 11.65 -27.85 -29.78
N PHE A 404 12.24 -28.94 -29.31
CA PHE A 404 12.27 -29.14 -27.87
C PHE A 404 13.12 -28.11 -27.13
N PHE A 405 14.18 -27.58 -27.76
CA PHE A 405 14.90 -26.44 -27.21
C PHE A 405 14.02 -25.20 -27.06
N ALA A 406 13.09 -25.00 -27.99
CA ALA A 406 12.18 -23.85 -27.91
C ALA A 406 11.32 -23.84 -26.65
N PHE A 407 11.02 -25.00 -26.07
CA PHE A 407 10.32 -25.05 -24.79
C PHE A 407 11.11 -24.46 -23.63
N THR A 408 12.40 -24.19 -23.79
CA THR A 408 13.15 -23.39 -22.82
C THR A 408 12.51 -22.04 -22.53
N ASN A 409 11.74 -21.48 -23.47
CA ASN A 409 11.00 -20.25 -23.24
C ASN A 409 10.17 -20.30 -21.97
N SER A 410 9.47 -21.41 -21.74
CA SER A 410 8.68 -21.56 -20.52
C SER A 410 9.53 -21.53 -19.26
N SER A 411 10.80 -21.92 -19.36
CA SER A 411 11.71 -21.77 -18.21
C SER A 411 12.32 -20.37 -18.10
N LEU A 412 12.71 -19.76 -19.23
CA LEU A 412 13.35 -18.45 -19.17
C LEU A 412 12.36 -17.33 -18.83
N ASN A 413 11.14 -17.39 -19.34
CA ASN A 413 10.22 -16.27 -19.14
C ASN A 413 9.87 -15.98 -17.69
N PRO A 414 9.60 -16.97 -16.82
CA PRO A 414 9.53 -16.67 -15.38
C PRO A 414 10.75 -15.99 -14.80
N VAL A 415 11.95 -16.41 -15.18
CA VAL A 415 13.16 -15.78 -14.66
C VAL A 415 13.20 -14.31 -15.07
N ILE A 416 13.14 -14.07 -16.37
CA ILE A 416 13.44 -12.76 -16.93
C ILE A 416 12.32 -11.78 -16.58
N TYR A 417 11.08 -12.19 -16.73
CA TYR A 417 9.95 -11.28 -16.53
C TYR A 417 9.52 -11.17 -15.09
N VAL A 418 9.96 -12.07 -14.20
CA VAL A 418 9.45 -12.05 -12.83
C VAL A 418 10.59 -12.05 -11.82
N PHE A 419 11.40 -13.13 -11.80
CA PHE A 419 12.28 -13.38 -10.67
C PHE A 419 13.34 -12.31 -10.49
N VAL A 420 13.77 -11.65 -11.56
CA VAL A 420 14.81 -10.63 -11.41
C VAL A 420 14.31 -9.38 -10.69
N GLY A 421 13.00 -9.15 -10.63
CA GLY A 421 12.50 -7.91 -10.10
C GLY A 421 12.57 -7.84 -8.58
N ARG A 422 13.00 -6.67 -8.08
CA ARG A 422 13.06 -6.43 -6.64
C ARG A 422 11.69 -6.58 -5.99
N LEU A 423 10.65 -6.05 -6.64
CA LEU A 423 9.28 -6.18 -6.15
C LEU A 423 8.89 -7.64 -5.92
N PHE A 424 9.00 -8.47 -6.95
CA PHE A 424 8.76 -9.91 -6.79
C PHE A 424 9.58 -10.54 -5.66
N ARG A 425 10.86 -10.23 -5.57
CA ARG A 425 11.67 -10.79 -4.50
C ARG A 425 11.17 -10.38 -3.12
N THR A 426 10.76 -9.12 -2.95
CA THR A 426 10.09 -8.73 -1.70
C THR A 426 8.75 -9.43 -1.51
N LYS A 427 8.02 -9.70 -2.60
CA LYS A 427 6.75 -10.41 -2.48
C LYS A 427 6.94 -11.86 -2.08
N VAL A 428 8.06 -12.46 -2.47
CA VAL A 428 8.49 -13.75 -1.93
C VAL A 428 8.83 -13.63 -0.46
N TRP A 429 9.69 -12.66 -0.12
CA TRP A 429 10.15 -12.49 1.25
C TRP A 429 8.99 -12.28 2.22
N GLU A 430 7.97 -11.52 1.80
CA GLU A 430 6.86 -11.21 2.69
C GLU A 430 5.78 -12.29 2.71
N LEU A 431 5.88 -13.30 1.85
CA LEU A 431 4.98 -14.44 1.94
C LEU A 431 5.64 -15.68 2.49
N TYR A 432 6.96 -15.56 2.64
CA TYR A 432 7.79 -16.25 3.66
C TYR A 432 7.62 -15.69 5.07
N LYS A 433 7.34 -14.40 5.20
CA LYS A 433 6.96 -13.82 6.47
C LYS A 433 5.53 -14.13 6.91
N GLN A 434 4.75 -14.82 6.08
CA GLN A 434 3.42 -15.28 6.49
C GLN A 434 3.17 -16.72 6.06
N CYS A 435 4.19 -17.56 6.25
CA CYS A 435 4.07 -19.01 6.19
C CYS A 435 2.78 -19.51 6.86
N LYS B 1 12.87 -38.41 -45.86
CA LYS B 1 12.28 -37.23 -45.24
C LYS B 1 11.14 -37.65 -44.32
N ARG B 2 11.28 -37.36 -43.03
CA ARG B 2 10.20 -37.59 -42.09
C ARG B 2 9.00 -36.71 -42.41
N PRO B 3 7.80 -37.16 -42.06
CA PRO B 3 6.57 -36.48 -42.50
C PRO B 3 6.45 -35.08 -41.92
N PRO B 4 5.56 -34.28 -42.44
CA PRO B 4 5.55 -33.05 -41.72
C PRO B 4 4.89 -33.28 -40.44
N GLY B 5 5.25 -32.54 -39.47
CA GLY B 5 4.61 -32.65 -38.20
C GLY B 5 5.18 -33.63 -37.27
N PHE B 6 6.30 -34.17 -37.62
CA PHE B 6 6.90 -35.17 -36.79
C PHE B 6 7.25 -34.68 -35.44
N SER B 7 7.30 -33.39 -35.26
CA SER B 7 7.69 -32.74 -33.99
C SER B 7 6.53 -32.02 -33.39
N PRO B 8 6.63 -31.56 -32.16
CA PRO B 8 5.48 -30.98 -31.52
C PRO B 8 4.90 -29.83 -32.21
N PHE B 9 5.59 -28.83 -32.70
CA PHE B 9 4.85 -27.78 -33.39
C PHE B 9 4.74 -28.18 -34.83
N LEU C 5 -36.60 -12.99 -1.19
CA LEU C 5 -35.91 -11.72 -1.42
C LEU C 5 -36.92 -10.58 -1.33
N SER C 6 -36.95 -9.91 -0.19
CA SER C 6 -37.95 -8.87 0.06
C SER C 6 -37.76 -7.68 -0.85
N ALA C 7 -38.88 -7.03 -1.17
CA ALA C 7 -38.83 -5.79 -1.95
C ALA C 7 -38.10 -4.69 -1.18
N GLU C 8 -38.11 -4.74 0.15
CA GLU C 8 -37.29 -3.83 0.93
C GLU C 8 -35.81 -4.18 0.82
N ASP C 9 -35.49 -5.48 0.90
CA ASP C 9 -34.12 -5.91 0.71
C ASP C 9 -33.62 -5.61 -0.70
N LYS C 10 -34.48 -5.80 -1.70
CA LYS C 10 -34.20 -5.32 -3.05
C LYS C 10 -33.93 -3.82 -3.09
N ALA C 11 -34.76 -3.02 -2.41
CA ALA C 11 -34.54 -1.58 -2.37
C ALA C 11 -33.19 -1.22 -1.75
N ALA C 12 -32.82 -1.91 -0.68
CA ALA C 12 -31.52 -1.72 -0.05
C ALA C 12 -30.37 -2.07 -1.00
N VAL C 13 -30.45 -3.23 -1.65
CA VAL C 13 -29.43 -3.61 -2.63
C VAL C 13 -29.37 -2.64 -3.80
N GLU C 14 -30.52 -2.14 -4.24
CA GLU C 14 -30.55 -1.14 -5.30
C GLU C 14 -29.82 0.15 -4.90
N ARG C 15 -30.11 0.65 -3.69
CA ARG C 15 -29.39 1.79 -3.15
C ARG C 15 -27.88 1.53 -3.06
N SER C 16 -27.51 0.35 -2.57
CA SER C 16 -26.11 -0.04 -2.51
C SER C 16 -25.45 -0.04 -3.89
N LYS C 17 -26.10 -0.62 -4.89
CA LYS C 17 -25.55 -0.62 -6.26
C LYS C 17 -25.44 0.79 -6.83
N MET C 18 -26.38 1.66 -6.51
CA MET C 18 -26.28 3.07 -6.90
C MET C 18 -25.05 3.74 -6.27
N ILE C 19 -24.80 3.46 -4.99
CA ILE C 19 -23.62 4.00 -4.33
C ILE C 19 -22.35 3.40 -4.94
N GLU C 20 -22.34 2.10 -5.20
CA GLU C 20 -21.18 1.47 -5.84
C GLU C 20 -20.88 2.08 -7.20
N LYS C 21 -21.92 2.42 -7.96
CA LYS C 21 -21.74 3.13 -9.23
C LYS C 21 -21.12 4.51 -9.03
N GLN C 22 -21.58 5.24 -8.01
CA GLN C 22 -20.97 6.54 -7.73
C GLN C 22 -19.50 6.39 -7.34
N LEU C 23 -19.20 5.43 -6.46
CA LEU C 23 -17.80 5.17 -6.12
C LEU C 23 -16.98 4.74 -7.32
N GLN C 24 -17.60 4.03 -8.27
CA GLN C 24 -16.89 3.64 -9.49
C GLN C 24 -16.52 4.86 -10.30
N LYS C 25 -17.41 5.86 -10.36
CA LYS C 25 -17.03 7.14 -10.94
C LYS C 25 -15.88 7.78 -10.17
N ASP C 26 -15.99 7.82 -8.85
CA ASP C 26 -15.03 8.52 -8.00
C ASP C 26 -13.65 7.83 -7.95
N LYS C 27 -13.61 6.51 -8.11
CA LYS C 27 -12.34 5.81 -8.27
C LYS C 27 -11.47 6.40 -9.39
N GLN C 28 -12.06 6.73 -10.53
CA GLN C 28 -11.29 7.29 -11.65
C GLN C 28 -10.67 8.63 -11.28
N VAL C 29 -11.44 9.51 -10.65
CA VAL C 29 -10.92 10.82 -10.23
C VAL C 29 -9.74 10.65 -9.28
N TYR C 30 -9.88 9.79 -8.27
CA TYR C 30 -8.82 9.59 -7.29
C TYR C 30 -7.55 9.00 -7.92
N ARG C 31 -7.70 8.04 -8.83
CA ARG C 31 -6.52 7.45 -9.46
C ARG C 31 -5.85 8.41 -10.43
N ARG C 32 -6.61 9.29 -11.08
CA ARG C 32 -6.02 10.23 -12.03
C ARG C 32 -5.36 11.42 -11.34
N THR C 33 -5.96 11.94 -10.26
CA THR C 33 -5.35 13.04 -9.54
C THR C 33 -4.07 12.61 -8.84
N LEU C 34 -3.02 13.42 -8.98
CA LEU C 34 -1.78 13.25 -8.25
C LEU C 34 -1.77 14.19 -7.04
N ARG C 35 -1.34 13.67 -5.90
CA ARG C 35 -1.39 14.40 -4.64
C ARG C 35 0.02 14.77 -4.20
N LEU C 36 0.21 16.03 -3.82
CA LEU C 36 1.50 16.54 -3.40
C LEU C 36 1.36 17.19 -2.04
N LEU C 37 2.40 17.10 -1.24
CA LEU C 37 2.51 17.84 0.01
C LEU C 37 3.63 18.86 -0.10
N LEU C 38 3.32 20.12 0.17
CA LEU C 38 4.36 21.10 0.44
C LEU C 38 4.84 21.02 1.87
N LEU C 39 6.15 21.09 2.05
CA LEU C 39 6.77 21.30 3.34
C LEU C 39 7.81 22.40 3.22
N GLY C 40 7.97 23.17 4.28
CA GLY C 40 8.90 24.28 4.25
C GLY C 40 8.73 25.27 5.38
N ALA C 41 9.84 25.87 5.80
CA ALA C 41 9.81 26.90 6.84
C ALA C 41 9.10 28.16 6.34
N ASP C 42 8.69 28.98 7.30
CA ASP C 42 8.07 30.26 6.95
C ASP C 42 9.01 31.16 6.17
N ASN C 43 10.33 30.98 6.34
CA ASN C 43 11.30 31.71 5.52
C ASN C 43 11.16 31.36 4.04
N SER C 44 10.76 30.14 3.72
CA SER C 44 10.65 29.70 2.35
C SER C 44 9.53 30.45 1.62
N GLY C 45 9.64 30.50 0.30
CA GLY C 45 8.62 31.11 -0.55
C GLY C 45 7.38 30.26 -0.75
N LYS C 46 7.16 29.28 0.13
CA LYS C 46 6.07 28.32 -0.03
C LYS C 46 4.74 29.00 -0.35
N SER C 47 4.39 30.02 0.45
CA SER C 47 3.14 30.74 0.24
C SER C 47 3.11 31.43 -1.11
N THR C 48 4.24 31.96 -1.56
CA THR C 48 4.28 32.60 -2.86
C THR C 48 4.27 31.58 -3.99
N ILE C 49 4.80 30.37 -3.75
CA ILE C 49 4.67 29.31 -4.74
C ILE C 49 3.21 28.92 -4.94
N VAL C 50 2.49 28.65 -3.84
CA VAL C 50 1.06 28.34 -3.99
C VAL C 50 0.27 29.51 -4.58
N LYS C 51 0.64 30.75 -4.23
CA LYS C 51 0.00 31.90 -4.85
C LYS C 51 0.20 31.94 -6.37
N GLN C 52 1.45 31.83 -6.82
CA GLN C 52 1.73 31.87 -8.25
C GLN C 52 1.12 30.70 -9.01
N MET C 53 1.21 29.50 -8.45
CA MET C 53 0.63 28.33 -9.12
C MET C 53 -0.89 28.37 -9.16
N ARG C 54 -1.54 28.92 -8.14
CA ARG C 54 -2.98 29.13 -8.22
C ARG C 54 -3.34 30.17 -9.28
N ILE C 55 -2.54 31.23 -9.38
CA ILE C 55 -2.74 32.21 -10.44
C ILE C 55 -2.55 31.58 -11.81
N TYR C 56 -1.58 30.67 -11.93
CA TYR C 56 -1.44 29.87 -13.14
C TYR C 56 -2.62 28.92 -13.31
N HIS C 57 -3.07 28.30 -12.22
CA HIS C 57 -4.15 27.31 -12.24
C HIS C 57 -3.96 26.27 -13.33
N LYS C 180 -10.20 32.17 9.03
CA LYS C 180 -10.43 30.88 9.66
C LYS C 180 -9.12 30.20 10.05
N THR C 181 -9.22 29.14 10.84
CA THR C 181 -8.09 28.37 11.34
C THR C 181 -7.99 27.01 10.66
N SER C 182 -8.48 26.91 9.42
CA SER C 182 -8.46 25.66 8.67
C SER C 182 -7.05 25.11 8.50
N GLY C 183 -6.85 23.89 8.97
CA GLY C 183 -5.54 23.29 9.21
C GLY C 183 -4.79 22.87 7.96
N ILE C 184 -5.42 22.94 6.80
CA ILE C 184 -4.79 22.50 5.56
C ILE C 184 -5.37 23.31 4.42
N PHE C 185 -4.53 23.61 3.43
CA PHE C 185 -4.93 24.34 2.23
C PHE C 185 -4.62 23.47 1.02
N GLU C 186 -5.66 23.10 0.29
CA GLU C 186 -5.51 22.45 -1.01
C GLU C 186 -5.48 23.51 -2.10
N THR C 187 -4.43 23.51 -2.91
CA THR C 187 -4.45 24.17 -4.20
C THR C 187 -4.52 23.11 -5.30
N LYS C 188 -5.40 23.33 -6.27
CA LYS C 188 -5.59 22.42 -7.38
C LYS C 188 -5.12 23.08 -8.66
N PHE C 189 -4.25 22.38 -9.39
CA PHE C 189 -3.71 22.91 -10.64
C PHE C 189 -3.54 21.75 -11.61
N GLN C 190 -3.45 22.10 -12.88
CA GLN C 190 -3.38 21.12 -13.96
C GLN C 190 -2.18 21.39 -14.86
N VAL C 191 -1.47 20.33 -15.21
CA VAL C 191 -0.42 20.37 -16.22
C VAL C 191 -0.61 19.20 -17.17
N ASP C 192 -0.58 19.49 -18.47
CA ASP C 192 -0.76 18.50 -19.53
C ASP C 192 -1.92 17.53 -19.28
N LYS C 193 -3.05 18.10 -18.87
CA LYS C 193 -4.27 17.36 -18.53
C LYS C 193 -4.13 16.41 -17.34
N VAL C 194 -3.00 16.43 -16.66
CA VAL C 194 -2.87 15.75 -15.37
C VAL C 194 -3.30 16.74 -14.28
N ASN C 195 -4.18 16.31 -13.39
CA ASN C 195 -4.62 17.14 -12.28
C ASN C 195 -3.76 16.87 -11.05
N PHE C 196 -3.23 17.94 -10.47
CA PHE C 196 -2.49 17.89 -9.22
C PHE C 196 -3.30 18.51 -8.10
N HIS C 197 -3.45 17.78 -7.00
CA HIS C 197 -3.84 18.38 -5.73
C HIS C 197 -2.57 18.57 -4.91
N MET C 198 -2.23 19.83 -4.64
CA MET C 198 -1.09 20.15 -3.80
C MET C 198 -1.62 20.61 -2.45
N PHE C 199 -1.24 19.90 -1.41
CA PHE C 199 -1.68 20.19 -0.05
C PHE C 199 -0.60 20.92 0.72
N ASP C 200 -1.00 22.01 1.37
CA ASP C 200 -0.12 22.84 2.17
C ASP C 200 -0.73 22.91 3.56
N VAL C 201 0.13 22.98 4.57
CA VAL C 201 -0.29 22.68 5.93
C VAL C 201 0.02 23.88 6.82
N GLY C 202 -1.00 24.38 7.48
CA GLY C 202 -0.93 25.66 8.17
C GLY C 202 -1.94 25.72 9.29
N ALA C 203 -1.59 26.43 10.36
CA ALA C 203 -2.26 26.32 11.66
C ALA C 203 -2.26 24.88 12.17
N GLN C 204 -1.18 24.15 11.93
CA GLN C 204 -0.85 22.99 12.73
C GLN C 204 0.25 23.33 13.72
N ARG C 205 0.23 22.63 14.85
CA ARG C 205 1.35 22.62 15.77
C ARG C 205 2.60 22.08 15.07
N ASP C 206 3.76 22.52 15.54
CA ASP C 206 5.02 22.29 14.83
C ASP C 206 5.53 20.86 14.95
N GLU C 207 5.01 20.07 15.89
CA GLU C 207 5.45 18.67 16.02
C GLU C 207 4.83 17.83 14.91
N ARG C 208 5.50 17.87 13.75
CA ARG C 208 5.03 17.25 12.52
C ARG C 208 4.94 15.73 12.60
N ARG C 209 5.57 15.12 13.60
CA ARG C 209 5.75 13.68 13.68
C ARG C 209 4.50 12.84 13.42
N LYS C 210 3.33 13.31 13.81
CA LYS C 210 2.14 12.49 13.63
C LYS C 210 1.30 12.78 12.38
N TRP C 211 0.97 14.04 12.11
CA TRP C 211 0.15 14.33 10.94
C TRP C 211 0.88 14.01 9.63
N ILE C 212 2.21 13.99 9.62
CA ILE C 212 2.97 13.61 8.43
C ILE C 212 2.67 12.18 8.01
N GLN C 213 2.27 11.33 8.96
CA GLN C 213 1.96 9.93 8.63
C GLN C 213 0.82 9.79 7.63
N CYS C 214 -0.09 10.77 7.59
CA CYS C 214 -1.17 10.78 6.61
C CYS C 214 -0.65 10.67 5.18
N PHE C 215 0.45 11.35 4.87
CA PHE C 215 0.84 11.61 3.49
C PHE C 215 1.65 10.49 2.84
N ASN C 216 1.75 9.33 3.48
CA ASN C 216 2.53 8.23 2.91
C ASN C 216 2.07 7.86 1.49
N ASP C 217 0.80 8.07 1.18
CA ASP C 217 0.28 7.86 -0.18
C ASP C 217 0.77 8.87 -1.20
N VAL C 218 1.10 10.11 -0.81
CA VAL C 218 1.30 11.18 -1.79
C VAL C 218 2.37 10.80 -2.82
N THR C 219 2.16 11.26 -4.06
CA THR C 219 3.09 10.98 -5.15
C THR C 219 4.47 11.57 -4.87
N ALA C 220 4.52 12.80 -4.39
CA ALA C 220 5.79 13.41 -4.03
C ALA C 220 5.57 14.41 -2.90
N ILE C 221 6.59 14.56 -2.07
CA ILE C 221 6.72 15.75 -1.23
C ILE C 221 7.48 16.81 -2.02
N ILE C 222 7.09 18.06 -1.87
CA ILE C 222 7.91 19.20 -2.26
C ILE C 222 8.45 19.84 -1.00
N PHE C 223 9.76 19.86 -0.84
CA PHE C 223 10.41 20.60 0.22
C PHE C 223 11.00 21.88 -0.36
N VAL C 224 10.70 23.02 0.26
CA VAL C 224 11.10 24.32 -0.27
C VAL C 224 11.85 25.08 0.80
N VAL C 225 12.98 25.67 0.42
CA VAL C 225 14.01 26.14 1.35
C VAL C 225 14.37 27.56 0.97
N ASP C 226 14.56 28.42 1.98
CA ASP C 226 15.22 29.71 1.76
C ASP C 226 16.72 29.47 1.72
N SER C 227 17.27 29.35 0.50
CA SER C 227 18.70 29.16 0.30
C SER C 227 19.52 30.38 0.73
N SER C 228 18.89 31.53 0.92
CA SER C 228 19.61 32.76 1.23
C SER C 228 19.78 33.03 2.73
N ASP C 229 18.88 32.52 3.58
CA ASP C 229 19.04 32.66 5.02
C ASP C 229 20.00 31.59 5.55
N TYR C 230 21.29 31.90 5.48
CA TYR C 230 22.32 30.95 5.91
C TYR C 230 22.11 30.49 7.35
N ASN C 231 21.69 31.41 8.23
CA ASN C 231 21.39 31.05 9.61
C ASN C 231 20.35 29.94 9.69
N ARG C 232 19.29 30.04 8.89
CA ARG C 232 18.21 29.06 8.87
C ARG C 232 18.50 27.86 7.97
N LEU C 233 19.50 27.96 7.11
CA LEU C 233 19.76 26.92 6.11
C LEU C 233 20.22 25.60 6.74
N GLN C 234 21.03 25.66 7.79
CA GLN C 234 21.37 24.42 8.50
C GLN C 234 20.16 23.79 9.20
N GLU C 235 19.27 24.62 9.75
CA GLU C 235 18.03 24.09 10.30
C GLU C 235 17.14 23.48 9.22
N ALA C 236 17.12 24.08 8.03
CA ALA C 236 16.41 23.50 6.91
C ALA C 236 17.04 22.18 6.46
N LEU C 237 18.36 22.08 6.54
CA LEU C 237 19.04 20.81 6.28
C LEU C 237 18.65 19.74 7.28
N ASN C 238 18.55 20.11 8.56
CA ASN C 238 18.07 19.16 9.56
C ASN C 238 16.62 18.76 9.32
N ASP C 239 15.76 19.72 8.96
CA ASP C 239 14.38 19.43 8.63
C ASP C 239 14.26 18.48 7.44
N PHE C 240 15.06 18.71 6.40
CA PHE C 240 15.10 17.81 5.25
C PHE C 240 15.57 16.40 5.65
N LYS C 241 16.66 16.31 6.40
CA LYS C 241 17.06 15.00 6.96
C LYS C 241 15.93 14.32 7.71
N SER C 242 15.19 15.06 8.54
CA SER C 242 14.04 14.51 9.26
C SER C 242 12.95 13.98 8.32
N ILE C 243 12.69 14.70 7.24
CA ILE C 243 11.73 14.23 6.23
C ILE C 243 12.24 12.99 5.52
N TRP C 244 13.48 13.05 5.03
CA TRP C 244 14.03 12.01 4.17
C TRP C 244 14.17 10.68 4.90
N ASN C 245 14.48 10.72 6.19
CA ASN C 245 14.66 9.52 6.99
C ASN C 245 13.36 8.99 7.61
N ASN C 246 12.26 9.74 7.57
CA ASN C 246 11.06 9.34 8.29
C ASN C 246 10.56 7.99 7.77
N ARG C 247 10.23 7.10 8.72
CA ARG C 247 9.78 5.74 8.41
C ARG C 247 8.67 5.70 7.36
N TRP C 248 7.69 6.58 7.48
CA TRP C 248 6.53 6.57 6.58
C TRP C 248 6.83 7.14 5.22
N LEU C 249 7.95 7.84 5.07
CA LEU C 249 8.30 8.56 3.85
C LEU C 249 9.43 7.89 3.08
N ARG C 250 9.94 6.75 3.56
CA ARG C 250 11.06 6.04 2.97
C ARG C 250 10.77 5.52 1.56
N THR C 251 9.57 5.78 1.05
CA THR C 251 9.24 5.44 -0.33
C THR C 251 8.71 6.62 -1.12
N ILE C 252 8.63 7.80 -0.52
CA ILE C 252 8.11 9.00 -1.18
C ILE C 252 9.28 9.84 -1.63
N SER C 253 9.38 10.06 -2.94
CA SER C 253 10.42 10.92 -3.45
C SER C 253 10.14 12.37 -3.10
N VAL C 254 11.20 13.14 -2.91
CA VAL C 254 11.10 14.54 -2.49
C VAL C 254 11.58 15.42 -3.62
N ILE C 255 10.68 16.25 -4.15
CA ILE C 255 11.09 17.37 -4.98
C ILE C 255 11.61 18.46 -4.05
N LEU C 256 12.80 18.98 -4.35
CA LEU C 256 13.45 19.95 -3.49
C LEU C 256 13.60 21.27 -4.26
N PHE C 257 12.92 22.31 -3.79
CA PHE C 257 13.01 23.65 -4.37
C PHE C 257 13.90 24.49 -3.46
N LEU C 258 15.13 24.72 -3.91
CA LEU C 258 16.02 25.69 -3.28
C LEU C 258 15.60 27.06 -3.77
N ASN C 259 14.68 27.67 -3.04
CA ASN C 259 13.99 28.88 -3.46
C ASN C 259 14.75 30.14 -3.05
N LYS C 260 14.23 31.29 -3.47
CA LYS C 260 14.87 32.59 -3.25
C LYS C 260 16.29 32.60 -3.78
N GLN C 261 16.48 31.93 -4.93
CA GLN C 261 17.79 31.82 -5.56
C GLN C 261 18.36 33.18 -5.97
N ASP C 262 17.50 34.08 -6.46
CA ASP C 262 17.97 35.43 -6.80
C ASP C 262 18.45 36.20 -5.57
N LEU C 263 17.76 36.06 -4.43
CA LEU C 263 18.27 36.65 -3.20
C LEU C 263 19.61 36.06 -2.81
N LEU C 264 19.80 34.77 -3.03
CA LEU C 264 21.11 34.15 -2.80
C LEU C 264 22.17 34.73 -3.73
N ALA C 265 21.83 34.92 -5.00
CA ALA C 265 22.77 35.54 -5.93
C ALA C 265 23.17 36.94 -5.47
N GLU C 266 22.18 37.78 -5.19
CA GLU C 266 22.46 39.12 -4.67
C GLU C 266 23.35 39.09 -3.43
N LYS C 267 23.00 38.24 -2.46
CA LYS C 267 23.75 38.12 -1.22
C LYS C 267 25.19 37.65 -1.43
N VAL C 268 25.40 36.71 -2.35
CA VAL C 268 26.76 36.25 -2.61
C VAL C 268 27.56 37.29 -3.36
N LEU C 269 26.94 37.97 -4.34
CA LEU C 269 27.65 38.99 -5.09
C LEU C 269 28.07 40.15 -4.19
N ALA C 270 27.11 40.76 -3.49
CA ALA C 270 27.34 42.05 -2.87
C ALA C 270 27.38 42.01 -1.34
N GLY C 271 26.88 40.95 -0.72
CA GLY C 271 26.86 40.92 0.73
C GLY C 271 28.22 40.66 1.34
N LYS C 272 28.41 41.18 2.55
CA LYS C 272 29.61 40.88 3.33
C LYS C 272 29.57 39.46 3.90
N SER C 273 28.39 38.93 4.17
CA SER C 273 28.28 37.59 4.75
C SER C 273 28.80 36.53 3.80
N LYS C 274 29.65 35.64 4.33
CA LYS C 274 30.20 34.53 3.58
C LYS C 274 29.71 33.21 4.18
N ILE C 275 29.36 32.27 3.30
CA ILE C 275 28.85 30.97 3.73
C ILE C 275 29.87 30.24 4.59
N GLU C 276 31.17 30.49 4.38
CA GLU C 276 32.20 29.93 5.24
C GLU C 276 32.03 30.34 6.70
N ASP C 277 31.32 31.43 6.98
CA ASP C 277 31.02 31.79 8.36
C ASP C 277 30.11 30.76 9.03
N TYR C 278 29.36 30.00 8.25
CA TYR C 278 28.39 29.04 8.76
C TYR C 278 28.70 27.61 8.39
N PHE C 279 29.25 27.38 7.19
CA PHE C 279 29.65 26.05 6.72
C PHE C 279 31.13 26.09 6.36
N PRO C 280 32.03 25.86 7.31
CA PRO C 280 33.47 26.02 7.04
C PRO C 280 34.01 25.12 5.95
N GLU C 281 33.34 24.01 5.65
CA GLU C 281 33.71 23.17 4.51
C GLU C 281 33.65 23.91 3.17
N PHE C 282 32.90 25.00 3.10
CA PHE C 282 32.82 25.77 1.86
C PHE C 282 34.17 26.32 1.41
N ALA C 283 35.06 26.67 2.34
CA ALA C 283 36.38 27.13 1.96
C ALA C 283 37.21 26.03 1.29
N ARG C 284 36.97 24.77 1.64
CA ARG C 284 37.56 23.65 0.92
C ARG C 284 36.85 23.35 -0.40
N TYR C 285 35.54 23.54 -0.45
CA TYR C 285 34.74 23.16 -1.60
C TYR C 285 35.06 23.97 -2.84
N THR C 286 35.16 23.28 -3.98
CA THR C 286 35.32 23.89 -5.30
C THR C 286 34.27 23.29 -6.22
N THR C 287 33.81 24.10 -7.18
CA THR C 287 32.69 23.67 -8.02
C THR C 287 33.08 22.48 -8.89
N PRO C 288 32.19 21.49 -9.02
CA PRO C 288 32.35 20.44 -10.03
C PRO C 288 32.29 20.98 -11.46
N GLU C 289 32.44 20.10 -12.43
CA GLU C 289 31.98 20.41 -13.79
C GLU C 289 30.48 20.64 -13.77
N ASP C 290 30.06 21.82 -14.21
CA ASP C 290 28.80 22.40 -13.75
C ASP C 290 28.08 23.08 -14.91
N ALA C 291 26.76 23.06 -14.86
CA ALA C 291 25.94 23.91 -15.72
C ALA C 291 25.86 25.31 -15.14
N THR C 292 25.77 26.29 -16.03
CA THR C 292 25.50 27.67 -15.66
C THR C 292 24.54 28.29 -16.67
N PRO C 293 23.70 29.24 -16.24
CA PRO C 293 22.74 29.86 -17.15
C PRO C 293 23.43 30.53 -18.34
N GLU C 294 22.71 30.51 -19.47
CA GLU C 294 23.23 31.12 -20.70
C GLU C 294 23.40 32.63 -20.56
N PRO C 295 22.54 33.28 -19.78
CA PRO C 295 22.88 34.55 -19.15
C PRO C 295 23.76 34.23 -17.96
N GLY C 296 25.08 34.37 -18.13
CA GLY C 296 26.03 33.82 -17.20
C GLY C 296 25.93 34.45 -15.82
N GLU C 297 26.61 33.80 -14.88
CA GLU C 297 26.62 34.20 -13.49
C GLU C 297 28.04 34.08 -12.95
N ASP C 298 28.31 34.84 -11.90
CA ASP C 298 29.63 34.82 -11.27
C ASP C 298 29.89 33.44 -10.67
N PRO C 299 31.06 32.84 -10.91
CA PRO C 299 31.38 31.53 -10.34
C PRO C 299 31.20 31.44 -8.84
N ARG C 300 31.35 32.56 -8.12
CA ARG C 300 31.03 32.59 -6.71
C ARG C 300 29.56 32.23 -6.45
N VAL C 301 28.64 32.78 -7.24
CA VAL C 301 27.24 32.41 -7.10
C VAL C 301 27.03 30.94 -7.41
N THR C 302 27.65 30.45 -8.49
CA THR C 302 27.55 29.03 -8.82
C THR C 302 28.13 28.14 -7.73
N ARG C 303 29.31 28.49 -7.21
CA ARG C 303 29.93 27.69 -6.16
C ARG C 303 29.07 27.61 -4.90
N ALA C 304 28.52 28.75 -4.46
CA ALA C 304 27.58 28.77 -3.35
C ALA C 304 26.34 27.91 -3.62
N LYS C 305 25.68 28.19 -4.74
CA LYS C 305 24.51 27.47 -5.20
C LYS C 305 24.73 25.96 -5.16
N TYR C 306 25.79 25.50 -5.82
CA TYR C 306 26.10 24.08 -5.89
C TYR C 306 26.52 23.52 -4.54
N PHE C 307 27.20 24.31 -3.69
CA PHE C 307 27.53 23.79 -2.35
C PHE C 307 26.28 23.53 -1.54
N ILE C 308 25.30 24.42 -1.59
CA ILE C 308 24.04 24.20 -0.87
C ILE C 308 23.34 22.96 -1.41
N ARG C 309 23.23 22.87 -2.74
CA ARG C 309 22.67 21.67 -3.34
C ARG C 309 23.44 20.42 -2.93
N LYS C 310 24.77 20.50 -2.91
CA LYS C 310 25.60 19.38 -2.47
C LYS C 310 25.26 18.95 -1.06
N GLU C 311 25.01 19.90 -0.16
CA GLU C 311 24.67 19.53 1.21
C GLU C 311 23.35 18.79 1.27
N PHE C 312 22.34 19.29 0.56
CA PHE C 312 21.05 18.59 0.56
C PHE C 312 21.13 17.23 -0.13
N VAL C 313 21.75 17.17 -1.31
CA VAL C 313 21.88 15.91 -2.04
C VAL C 313 22.70 14.90 -1.24
N ASP C 314 23.77 15.35 -0.58
CA ASP C 314 24.54 14.50 0.31
C ASP C 314 23.67 13.88 1.39
N ILE C 315 22.88 14.69 2.10
CA ILE C 315 21.94 14.14 3.07
C ILE C 315 20.99 13.13 2.42
N SER C 316 20.52 13.43 1.21
CA SER C 316 19.62 12.51 0.51
C SER C 316 20.28 11.16 0.20
N THR C 317 21.52 11.18 -0.30
CA THR C 317 22.23 9.97 -0.69
C THR C 317 22.73 9.15 0.49
N ALA C 318 22.89 9.76 1.67
CA ALA C 318 23.42 9.03 2.80
C ALA C 318 22.46 7.98 3.33
N SER C 319 21.15 8.23 3.27
CA SER C 319 20.17 7.29 3.79
C SER C 319 19.38 6.56 2.72
N GLY C 320 19.54 6.93 1.45
CA GLY C 320 18.71 6.35 0.40
C GLY C 320 19.08 4.89 0.18
N ASP C 321 18.06 4.06 -0.04
CA ASP C 321 18.23 2.75 -0.67
C ASP C 321 18.02 2.80 -2.18
N GLY C 322 17.73 3.98 -2.74
CA GLY C 322 17.18 4.09 -4.06
C GLY C 322 15.69 3.83 -4.15
N ARG C 323 15.02 3.57 -3.02
CA ARG C 323 13.57 3.44 -3.05
C ARG C 323 12.89 4.76 -3.34
N HIS C 324 13.45 5.86 -2.83
CA HIS C 324 12.96 7.21 -3.11
C HIS C 324 14.13 8.10 -3.52
N ILE C 325 13.81 9.13 -4.29
CA ILE C 325 14.81 9.95 -4.98
C ILE C 325 14.56 11.41 -4.63
N CYS C 326 15.64 12.16 -4.48
CA CYS C 326 15.57 13.61 -4.30
C CYS C 326 15.83 14.30 -5.64
N TYR C 327 14.92 15.20 -6.01
CA TYR C 327 15.01 15.96 -7.26
C TYR C 327 15.25 17.43 -6.91
N PRO C 328 16.49 17.85 -6.73
CA PRO C 328 16.74 19.25 -6.40
C PRO C 328 16.52 20.15 -7.59
N HIS C 329 16.03 21.35 -7.31
CA HIS C 329 15.94 22.42 -8.29
C HIS C 329 16.25 23.74 -7.61
N PHE C 330 16.75 24.70 -8.38
CA PHE C 330 16.84 26.08 -7.95
C PHE C 330 15.67 26.85 -8.54
N THR C 331 15.03 27.67 -7.73
CA THR C 331 13.84 28.36 -8.21
C THR C 331 13.70 29.71 -7.53
N CYS C 332 12.75 30.40 -8.06
CA CYS C 332 12.32 31.61 -7.51
C CYS C 332 10.83 31.42 -7.32
N SER C 333 10.24 32.09 -6.34
CA SER C 333 8.82 31.94 -6.14
C SER C 333 8.03 32.43 -7.34
N VAL C 334 8.49 33.54 -7.91
CA VAL C 334 7.91 34.15 -9.09
C VAL C 334 7.96 33.29 -10.35
N ASP C 335 9.04 32.54 -10.56
CA ASP C 335 9.25 31.79 -11.80
C ASP C 335 8.09 30.82 -12.06
N THR C 336 7.56 30.88 -13.29
CA THR C 336 6.42 30.11 -13.74
C THR C 336 6.76 28.66 -14.10
N GLU C 337 8.02 28.26 -14.00
CA GLU C 337 8.49 26.94 -14.37
C GLU C 337 8.33 25.89 -13.28
N ASN C 338 7.84 26.29 -12.09
CA ASN C 338 7.69 25.36 -10.99
C ASN C 338 6.65 24.28 -11.27
N ALA C 339 5.52 24.65 -11.87
CA ALA C 339 4.54 23.65 -12.28
C ALA C 339 5.12 22.63 -13.25
N ARG C 340 5.87 23.10 -14.25
CA ARG C 340 6.51 22.19 -15.20
C ARG C 340 7.54 21.30 -14.51
N ARG C 341 8.36 21.86 -13.63
CA ARG C 341 9.32 21.06 -12.87
C ARG C 341 8.64 19.97 -12.05
N ILE C 342 7.55 20.35 -11.35
CA ILE C 342 6.79 19.40 -10.57
C ILE C 342 6.20 18.30 -11.45
N PHE C 343 5.68 18.68 -12.62
CA PHE C 343 5.16 17.68 -13.55
C PHE C 343 6.24 16.72 -14.02
N ASN C 344 7.38 17.25 -14.46
CA ASN C 344 8.47 16.39 -14.94
C ASN C 344 8.99 15.45 -13.86
N ASP C 345 9.09 15.92 -12.62
CA ASP C 345 9.55 15.04 -11.55
C ASP C 345 8.48 14.06 -11.07
N CYS C 346 7.20 14.43 -11.11
CA CYS C 346 6.15 13.43 -10.90
C CYS C 346 6.14 12.39 -12.01
N LYS C 347 6.36 12.80 -13.26
CA LYS C 347 6.50 11.86 -14.36
C LYS C 347 7.63 10.87 -14.13
N ASP C 348 8.77 11.35 -13.64
CA ASP C 348 9.87 10.45 -13.32
C ASP C 348 9.55 9.54 -12.14
N ILE C 349 8.87 10.05 -11.12
CA ILE C 349 8.49 9.23 -9.97
C ILE C 349 7.52 8.12 -10.38
N ILE C 350 6.52 8.48 -11.19
CA ILE C 350 5.57 7.49 -11.69
C ILE C 350 6.26 6.47 -12.59
N LEU C 351 7.17 6.92 -13.45
CA LEU C 351 8.01 6.01 -14.22
C LEU C 351 8.80 5.01 -13.36
N GLN C 352 9.42 5.49 -12.28
CA GLN C 352 10.12 4.58 -11.37
C GLN C 352 9.18 3.60 -10.67
N MET C 353 7.97 4.04 -10.32
CA MET C 353 6.99 3.12 -9.79
C MET C 353 6.61 2.07 -10.82
N ASN C 354 6.40 2.50 -12.06
CA ASN C 354 6.01 1.60 -13.12
C ASN C 354 7.10 0.57 -13.39
N LEU C 355 8.37 0.99 -13.36
CA LEU C 355 9.48 0.06 -13.47
C LEU C 355 9.46 -0.98 -12.34
N ARG C 356 9.23 -0.54 -11.11
CA ARG C 356 9.21 -1.51 -10.02
C ARG C 356 8.03 -2.47 -10.13
N GLU C 357 6.86 -1.96 -10.49
CA GLU C 357 5.70 -2.82 -10.76
C GLU C 357 5.96 -3.85 -11.86
N TYR C 358 6.56 -3.43 -12.97
CA TYR C 358 6.91 -4.39 -14.01
C TYR C 358 8.15 -5.23 -13.71
N ASN C 359 8.61 -5.29 -12.46
CA ASN C 359 9.76 -6.11 -12.07
C ASN C 359 11.01 -5.76 -12.85
N LEU C 360 11.09 -4.55 -13.39
CA LEU C 360 12.12 -4.18 -14.34
C LEU C 360 13.24 -3.40 -13.67
N VAL C 361 13.24 -3.36 -12.35
CA VAL C 361 14.28 -2.72 -11.54
C VAL C 361 14.45 -3.52 -10.26
N GLU D 14 11.89 32.52 41.70
CA GLU D 14 10.43 32.44 41.81
C GLU D 14 9.93 31.14 41.21
N LEU D 15 9.99 31.03 39.88
CA LEU D 15 9.39 29.90 39.18
C LEU D 15 10.02 28.57 39.59
N ASP D 16 11.31 28.58 39.95
CA ASP D 16 11.96 27.36 40.45
C ASP D 16 11.32 26.86 41.73
N GLN D 17 10.70 27.74 42.52
CA GLN D 17 10.00 27.31 43.73
C GLN D 17 8.71 26.55 43.40
N LEU D 18 7.97 27.02 42.40
CA LEU D 18 6.83 26.26 41.88
C LEU D 18 7.26 24.95 41.22
N ARG D 19 8.36 24.96 40.47
CA ARG D 19 8.89 23.72 39.91
C ARG D 19 9.30 22.71 40.99
N GLN D 20 9.88 23.20 42.09
CA GLN D 20 10.19 22.34 43.22
C GLN D 20 8.93 21.81 43.90
N GLU D 21 7.92 22.65 44.07
CA GLU D 21 6.65 22.18 44.63
C GLU D 21 5.99 21.13 43.75
N ALA D 22 6.04 21.33 42.43
CA ALA D 22 5.55 20.32 41.48
C ALA D 22 6.32 19.01 41.58
N GLU D 23 7.65 19.07 41.69
CA GLU D 23 8.43 17.85 41.90
C GLU D 23 8.08 17.15 43.21
N GLN D 24 7.89 17.92 44.28
CA GLN D 24 7.51 17.36 45.58
C GLN D 24 6.14 16.68 45.53
N LEU D 25 5.16 17.34 44.92
CA LEU D 25 3.85 16.71 44.73
C LEU D 25 3.91 15.49 43.80
N LYS D 26 4.75 15.53 42.76
CA LYS D 26 4.92 14.35 41.92
C LYS D 26 5.52 13.17 42.70
N ASN D 27 6.43 13.46 43.62
CA ASN D 27 6.99 12.41 44.48
C ASN D 27 5.95 11.88 45.47
N GLN D 28 5.16 12.77 46.06
CA GLN D 28 4.07 12.34 46.94
C GLN D 28 3.05 11.47 46.20
N ILE D 29 2.68 11.86 44.98
CA ILE D 29 1.78 11.05 44.18
C ILE D 29 2.39 9.70 43.85
N ARG D 30 3.64 9.66 43.42
CA ARG D 30 4.31 8.38 43.17
C ARG D 30 4.34 7.48 44.40
N ASP D 31 4.64 8.07 45.56
CA ASP D 31 4.55 7.35 46.83
C ASP D 31 3.15 6.77 47.07
N ALA D 32 2.10 7.55 46.82
CA ALA D 32 0.74 7.02 46.94
C ALA D 32 0.44 5.92 45.94
N ARG D 33 0.96 6.04 44.72
CA ARG D 33 0.80 4.98 43.72
C ARG D 33 1.43 3.67 44.16
N LYS D 34 2.67 3.71 44.66
CA LYS D 34 3.29 2.48 45.13
C LYS D 34 2.73 2.01 46.47
N ALA D 35 2.18 2.91 47.29
CA ALA D 35 1.49 2.50 48.50
C ALA D 35 0.16 1.80 48.20
N CYS D 36 -0.46 2.08 47.06
CA CYS D 36 -1.61 1.30 46.63
C CYS D 36 -1.22 -0.07 46.06
N ALA D 37 -0.02 -0.19 45.50
CA ALA D 37 0.37 -1.38 44.72
C ALA D 37 0.72 -2.54 45.65
N ASP D 38 -0.31 -3.05 46.32
CA ASP D 38 -0.12 -4.19 47.22
C ASP D 38 0.01 -5.52 46.48
N ALA D 39 -0.85 -5.78 45.49
CA ALA D 39 -0.70 -7.00 44.70
C ALA D 39 -1.23 -6.83 43.28
N THR D 40 -0.51 -7.42 42.33
CA THR D 40 -0.75 -7.21 40.90
C THR D 40 -1.73 -8.23 40.34
N LEU D 41 -2.43 -7.82 39.28
CA LEU D 41 -3.52 -8.61 38.70
C LEU D 41 -3.04 -9.94 38.13
N SER D 42 -1.89 -9.94 37.48
CA SER D 42 -1.35 -11.17 36.89
C SER D 42 -1.16 -12.28 37.92
N GLN D 43 -0.71 -11.94 39.12
CA GLN D 43 -0.61 -12.95 40.17
C GLN D 43 -1.98 -13.35 40.73
N ILE D 44 -2.85 -12.37 40.94
CA ILE D 44 -4.21 -12.66 41.44
C ILE D 44 -4.95 -13.61 40.51
N THR D 45 -4.76 -13.48 39.20
CA THR D 45 -5.36 -14.38 38.21
C THR D 45 -4.64 -15.71 38.04
N ASN D 46 -3.71 -16.08 38.93
CA ASN D 46 -3.27 -17.46 39.00
C ASN D 46 -4.40 -18.41 39.36
N ASN D 47 -5.50 -17.90 39.90
CA ASN D 47 -6.70 -18.67 40.20
C ASN D 47 -7.57 -19.03 39.01
N ILE D 48 -7.28 -18.53 37.80
CA ILE D 48 -8.25 -18.64 36.70
C ILE D 48 -7.56 -19.07 35.42
N ASP D 49 -8.34 -19.76 34.57
CA ASP D 49 -7.87 -20.32 33.31
C ASP D 49 -7.56 -19.22 32.27
N PRO D 50 -6.60 -19.46 31.38
CA PRO D 50 -6.42 -18.59 30.23
C PRO D 50 -7.53 -18.74 29.19
N VAL D 51 -7.61 -17.74 28.31
CA VAL D 51 -8.54 -17.77 27.18
C VAL D 51 -8.16 -18.84 26.15
N GLY D 52 -6.88 -19.11 25.95
CA GLY D 52 -6.45 -19.92 24.84
C GLY D 52 -6.58 -19.23 23.47
N ARG D 53 -6.36 -20.04 22.43
CA ARG D 53 -6.32 -19.53 21.06
C ARG D 53 -7.69 -19.03 20.59
N ILE D 54 -7.76 -17.76 20.23
CA ILE D 54 -8.92 -17.17 19.58
C ILE D 54 -8.77 -17.30 18.06
N GLN D 55 -9.53 -18.21 17.47
CA GLN D 55 -9.44 -18.48 16.03
C GLN D 55 -10.42 -17.60 15.23
N MET D 56 -10.26 -16.29 15.36
CA MET D 56 -11.12 -15.35 14.66
C MET D 56 -10.93 -15.45 13.15
N ARG D 57 -12.02 -15.26 12.39
CA ARG D 57 -11.99 -15.44 10.94
C ARG D 57 -12.83 -14.37 10.25
N THR D 58 -12.42 -14.04 9.02
CA THR D 58 -12.94 -12.91 8.24
C THR D 58 -14.34 -13.21 7.73
N ARG D 59 -15.33 -13.06 8.61
CA ARG D 59 -16.70 -13.41 8.22
C ARG D 59 -17.18 -12.60 7.02
N ARG D 60 -16.82 -11.32 6.96
CA ARG D 60 -17.16 -10.46 5.84
C ARG D 60 -16.01 -9.50 5.58
N THR D 61 -15.85 -9.11 4.31
CA THR D 61 -14.87 -8.11 3.93
C THR D 61 -15.54 -7.01 3.13
N LEU D 62 -15.33 -5.77 3.56
CA LEU D 62 -15.89 -4.58 2.94
C LEU D 62 -14.83 -3.93 2.07
N ARG D 63 -15.13 -3.71 0.80
CA ARG D 63 -14.12 -3.30 -0.17
C ARG D 63 -14.61 -2.20 -1.11
N GLY D 64 -15.00 -1.07 -0.53
CA GLY D 64 -15.47 0.06 -1.29
C GLY D 64 -14.52 1.25 -1.30
N HIS D 65 -13.83 1.45 -0.18
CA HIS D 65 -12.95 2.60 -0.02
C HIS D 65 -11.75 2.58 -0.96
N LEU D 66 -11.51 3.71 -1.61
CA LEU D 66 -10.50 3.82 -2.65
C LEU D 66 -9.09 3.88 -2.07
N ALA D 67 -8.96 4.24 -0.80
CA ALA D 67 -7.66 4.46 -0.18
C ALA D 67 -7.76 4.11 1.30
N LYS D 68 -6.62 4.23 1.99
CA LYS D 68 -6.50 3.77 3.37
C LYS D 68 -7.61 4.28 4.28
N ILE D 69 -8.10 3.38 5.13
CA ILE D 69 -8.97 3.73 6.25
C ILE D 69 -8.17 4.37 7.37
N TYR D 70 -8.67 5.49 7.90
CA TYR D 70 -8.15 6.02 9.15
C TYR D 70 -9.00 5.67 10.36
N ALA D 71 -10.31 5.53 10.22
CA ALA D 71 -11.15 5.42 11.40
C ALA D 71 -12.44 4.68 11.08
N MET D 72 -13.09 4.23 12.15
CA MET D 72 -14.38 3.56 12.09
C MET D 72 -15.19 3.99 13.29
N HIS D 73 -16.50 3.74 13.23
CA HIS D 73 -17.28 3.60 14.45
C HIS D 73 -18.47 2.69 14.18
N TRP D 74 -18.66 1.68 15.03
CA TRP D 74 -19.89 0.91 15.00
C TRP D 74 -21.08 1.79 15.40
N GLY D 75 -22.21 1.56 14.74
CA GLY D 75 -23.46 2.04 15.25
C GLY D 75 -23.89 1.31 16.51
N THR D 76 -24.69 2.00 17.33
CA THR D 76 -25.18 1.40 18.56
C THR D 76 -26.12 0.22 18.31
N ASP D 77 -26.67 0.14 17.10
CA ASP D 77 -27.43 -1.03 16.65
C ASP D 77 -26.55 -2.25 16.40
N SER D 78 -25.24 -2.12 16.46
CA SER D 78 -24.28 -3.18 16.15
C SER D 78 -24.46 -3.71 14.73
N ARG D 79 -25.09 -2.92 13.88
CA ARG D 79 -25.54 -3.32 12.56
C ARG D 79 -24.91 -2.45 11.49
N LEU D 80 -25.07 -1.13 11.59
CA LEU D 80 -24.41 -0.18 10.72
C LEU D 80 -23.02 0.14 11.26
N LEU D 81 -22.10 0.47 10.37
CA LEU D 81 -20.84 1.05 10.80
C LEU D 81 -20.39 2.12 9.83
N VAL D 82 -19.69 3.10 10.37
CA VAL D 82 -19.04 4.16 9.61
C VAL D 82 -17.61 3.77 9.32
N SER D 83 -17.11 4.22 8.18
CA SER D 83 -15.69 4.13 7.85
C SER D 83 -15.29 5.37 7.08
N ALA D 84 -14.11 5.88 7.38
CA ALA D 84 -13.61 7.12 6.80
C ALA D 84 -12.22 6.88 6.24
N SER D 85 -11.97 7.40 5.05
CA SER D 85 -10.75 7.07 4.33
C SER D 85 -10.16 8.30 3.66
N GLN D 86 -8.86 8.19 3.38
CA GLN D 86 -8.08 9.29 2.81
C GLN D 86 -8.61 9.75 1.45
N ASP D 87 -9.41 8.93 0.77
CA ASP D 87 -10.03 9.37 -0.47
C ASP D 87 -11.10 10.44 -0.25
N GLY D 88 -11.48 10.71 1.00
CA GLY D 88 -12.51 11.68 1.27
C GLY D 88 -13.91 11.14 1.22
N LYS D 89 -14.07 9.82 1.29
CA LYS D 89 -15.38 9.21 1.42
C LYS D 89 -15.63 8.83 2.87
N LEU D 90 -16.86 9.06 3.31
CA LEU D 90 -17.35 8.56 4.59
C LEU D 90 -18.50 7.63 4.24
N ILE D 91 -18.29 6.32 4.41
CA ILE D 91 -19.24 5.29 3.99
C ILE D 91 -19.90 4.69 5.22
N ILE D 92 -21.21 4.54 5.15
CA ILE D 92 -21.99 3.82 6.15
C ILE D 92 -22.35 2.45 5.59
N TRP D 93 -21.86 1.40 6.24
CA TRP D 93 -22.02 0.04 5.79
C TRP D 93 -23.08 -0.64 6.64
N ASP D 94 -23.98 -1.38 6.00
CA ASP D 94 -24.72 -2.43 6.68
C ASP D 94 -23.80 -3.64 6.77
N SER D 95 -23.32 -3.93 7.97
CA SER D 95 -22.38 -5.02 8.15
C SER D 95 -23.00 -6.39 7.92
N TYR D 96 -24.33 -6.52 8.03
CA TYR D 96 -24.94 -7.83 7.79
C TYR D 96 -24.94 -8.17 6.31
N THR D 97 -25.29 -7.22 5.46
CA THR D 97 -25.44 -7.43 4.03
C THR D 97 -24.27 -6.93 3.19
N THR D 98 -23.36 -6.14 3.78
CA THR D 98 -22.35 -5.34 3.09
C THR D 98 -22.93 -4.24 2.21
N ASN D 99 -24.23 -3.95 2.34
CA ASN D 99 -24.83 -2.87 1.58
C ASN D 99 -24.25 -1.52 2.01
N LYS D 100 -23.88 -0.70 1.03
CA LYS D 100 -23.46 0.68 1.28
C LYS D 100 -24.69 1.55 1.46
N VAL D 101 -25.05 1.84 2.71
CA VAL D 101 -26.28 2.56 3.01
C VAL D 101 -26.14 4.04 2.66
N HIS D 102 -24.97 4.63 2.88
CA HIS D 102 -24.65 5.96 2.39
C HIS D 102 -23.18 6.04 2.05
N ALA D 103 -22.86 6.85 1.05
CA ALA D 103 -21.51 7.32 0.82
C ALA D 103 -21.50 8.84 0.79
N ILE D 104 -20.76 9.45 1.70
CA ILE D 104 -20.79 10.90 1.93
C ILE D 104 -19.47 11.47 1.43
N PRO D 105 -19.48 12.37 0.45
CA PRO D 105 -18.24 13.04 0.09
C PRO D 105 -17.88 14.09 1.12
N LEU D 106 -16.66 14.00 1.65
CA LEU D 106 -16.20 14.93 2.66
C LEU D 106 -15.69 16.22 2.04
N ARG D 107 -15.81 17.31 2.80
CA ARG D 107 -15.28 18.59 2.39
C ARG D 107 -13.75 18.59 2.34
N SER D 108 -13.09 17.67 3.04
CA SER D 108 -11.65 17.54 2.98
C SER D 108 -11.26 16.07 3.01
N SER D 109 -10.38 15.69 2.07
CA SER D 109 -9.97 14.30 1.93
C SER D 109 -9.26 13.79 3.18
N TRP D 110 -8.51 14.64 3.86
CA TRP D 110 -7.59 14.20 4.91
C TRP D 110 -8.30 14.01 6.24
N VAL D 111 -9.35 13.18 6.23
CA VAL D 111 -10.03 12.81 7.46
C VAL D 111 -9.12 11.90 8.28
N MET D 112 -9.29 11.95 9.59
CA MET D 112 -8.53 11.10 10.50
C MET D 112 -9.39 10.43 11.54
N THR D 113 -10.64 10.85 11.72
CA THR D 113 -11.52 10.29 12.73
C THR D 113 -12.95 10.40 12.24
N CYS D 114 -13.80 9.49 12.72
CA CYS D 114 -15.22 9.59 12.48
C CYS D 114 -15.97 8.95 13.64
N ALA D 115 -17.24 9.32 13.77
CA ALA D 115 -18.08 8.77 14.83
C ALA D 115 -19.51 8.64 14.33
N TYR D 116 -20.24 7.70 14.91
CA TYR D 116 -21.66 7.51 14.66
C TYR D 116 -22.41 7.90 15.92
N ALA D 117 -23.43 8.74 15.77
CA ALA D 117 -24.16 9.19 16.94
C ALA D 117 -24.94 8.04 17.58
N PRO D 118 -25.18 8.10 18.89
CA PRO D 118 -25.86 6.98 19.54
C PRO D 118 -27.24 6.70 18.98
N SER D 119 -27.93 7.72 18.45
CA SER D 119 -29.21 7.55 17.80
C SER D 119 -29.09 7.12 16.34
N GLY D 120 -27.91 7.20 15.76
CA GLY D 120 -27.72 7.13 14.33
C GLY D 120 -28.31 8.24 13.49
N ASN D 121 -28.88 9.26 14.14
CA ASN D 121 -29.36 10.42 13.40
C ASN D 121 -28.22 11.15 12.70
N TYR D 122 -27.01 11.09 13.26
CA TYR D 122 -25.90 11.89 12.78
C TYR D 122 -24.63 11.04 12.66
N VAL D 123 -23.74 11.48 11.79
CA VAL D 123 -22.37 11.01 11.70
C VAL D 123 -21.46 12.23 11.76
N ALA D 124 -20.25 12.02 12.25
CA ALA D 124 -19.25 13.09 12.33
C ALA D 124 -17.92 12.62 11.81
N CYS D 125 -17.12 13.57 11.33
CA CYS D 125 -15.73 13.29 11.00
C CYS D 125 -14.93 14.57 11.03
N GLY D 126 -13.62 14.42 11.07
CA GLY D 126 -12.71 15.55 10.93
C GLY D 126 -11.29 15.04 10.75
N GLY D 127 -10.39 15.98 10.48
CA GLY D 127 -8.98 15.66 10.36
C GLY D 127 -8.09 16.87 10.26
N LEU D 128 -7.22 16.89 9.26
CA LEU D 128 -6.26 17.98 9.11
C LEU D 128 -6.92 19.30 8.74
N ASP D 129 -8.23 19.32 8.51
CA ASP D 129 -8.95 20.58 8.33
C ASP D 129 -9.19 21.32 9.64
N ASN D 130 -8.89 20.71 10.79
CA ASN D 130 -9.21 21.23 12.11
C ASN D 130 -10.70 21.36 12.37
N ILE D 131 -11.54 20.80 11.51
CA ILE D 131 -12.98 21.05 11.55
C ILE D 131 -13.68 19.71 11.82
N CYS D 132 -14.63 19.72 12.73
CA CYS D 132 -15.51 18.59 12.97
C CYS D 132 -16.81 18.80 12.19
N SER D 133 -16.97 18.04 11.11
CA SER D 133 -18.17 18.12 10.28
C SER D 133 -19.22 17.14 10.78
N ILE D 134 -20.44 17.63 11.01
CA ILE D 134 -21.56 16.82 11.45
C ILE D 134 -22.54 16.70 10.29
N TYR D 135 -22.88 15.47 9.93
CA TYR D 135 -23.79 15.20 8.81
C TYR D 135 -25.08 14.57 9.33
N ASN D 136 -26.21 15.09 8.86
CA ASN D 136 -27.52 14.55 9.22
C ASN D 136 -27.85 13.42 8.27
N LEU D 137 -28.20 12.26 8.82
CA LEU D 137 -28.55 11.09 8.04
C LEU D 137 -30.05 10.92 7.81
N LYS D 138 -30.89 11.74 8.44
CA LYS D 138 -32.32 11.48 8.51
C LYS D 138 -33.10 12.68 8.01
N THR D 139 -32.60 13.32 6.95
CA THR D 139 -33.19 14.57 6.48
C THR D 139 -34.55 14.35 5.84
N ARG D 140 -35.35 15.42 5.83
CA ARG D 140 -36.56 15.45 5.01
C ARG D 140 -36.23 15.29 3.54
N GLU D 141 -35.05 15.75 3.13
CA GLU D 141 -34.58 15.63 1.76
C GLU D 141 -34.25 14.19 1.38
N GLY D 142 -34.11 13.29 2.35
CA GLY D 142 -33.81 11.92 2.04
C GLY D 142 -32.39 11.67 1.61
N ASN D 143 -31.49 12.62 1.87
CA ASN D 143 -30.08 12.52 1.50
C ASN D 143 -29.26 13.01 2.67
N VAL D 144 -27.95 12.79 2.59
CA VAL D 144 -27.03 13.19 3.65
C VAL D 144 -26.43 14.55 3.32
N ARG D 145 -26.50 15.47 4.27
CA ARG D 145 -25.97 16.82 4.14
C ARG D 145 -25.30 17.22 5.44
N VAL D 146 -24.31 18.11 5.33
CA VAL D 146 -23.63 18.64 6.51
C VAL D 146 -24.60 19.48 7.35
N SER D 147 -24.77 19.08 8.61
CA SER D 147 -25.61 19.85 9.53
C SER D 147 -24.86 21.05 10.12
N ARG D 148 -23.60 20.85 10.51
CA ARG D 148 -22.78 21.94 11.01
C ARG D 148 -21.32 21.55 10.92
N GLU D 149 -20.45 22.56 10.94
CA GLU D 149 -19.01 22.36 10.93
C GLU D 149 -18.39 23.17 12.06
N LEU D 150 -17.75 22.47 13.00
CA LEU D 150 -17.22 23.05 14.22
C LEU D 150 -15.75 23.36 14.00
N ALA D 151 -15.34 24.59 14.26
CA ALA D 151 -14.11 25.14 13.69
C ALA D 151 -13.31 25.92 14.71
N GLY D 152 -13.13 25.35 15.91
CA GLY D 152 -12.46 26.05 16.98
C GLY D 152 -11.07 25.55 17.30
N HIS D 153 -10.70 24.39 16.77
CA HIS D 153 -9.40 23.80 17.05
C HIS D 153 -8.31 24.43 16.21
N THR D 154 -7.13 24.62 16.80
CA THR D 154 -5.94 25.08 16.10
C THR D 154 -4.98 23.94 15.76
N GLY D 155 -5.52 22.82 15.33
CA GLY D 155 -4.70 21.66 15.02
C GLY D 155 -5.62 20.53 14.61
N TYR D 156 -5.02 19.54 13.93
CA TYR D 156 -5.82 18.49 13.33
C TYR D 156 -6.65 17.79 14.39
N LEU D 157 -7.83 17.32 14.01
CA LEU D 157 -8.64 16.48 14.89
C LEU D 157 -8.18 15.04 14.82
N SER D 158 -7.69 14.53 15.94
CA SER D 158 -7.29 13.13 16.03
C SER D 158 -8.44 12.20 16.38
N CYS D 159 -9.42 12.68 17.15
CA CYS D 159 -10.59 11.88 17.46
C CYS D 159 -11.74 12.78 17.84
N CYS D 160 -12.96 12.31 17.53
CA CYS D 160 -14.18 12.93 18.01
C CYS D 160 -15.24 11.86 18.18
N ARG D 161 -16.06 11.99 19.22
CA ARG D 161 -17.09 11.02 19.53
C ARG D 161 -18.28 11.71 20.18
N PHE D 162 -19.48 11.30 19.79
CA PHE D 162 -20.69 11.91 20.32
C PHE D 162 -21.00 11.44 21.73
N LEU D 163 -21.37 12.39 22.58
CA LEU D 163 -22.02 12.10 23.86
C LEU D 163 -23.52 11.94 23.67
N ASP D 164 -24.06 12.70 22.73
CA ASP D 164 -25.49 12.93 22.57
C ASP D 164 -25.64 13.49 21.15
N ASP D 165 -26.88 13.48 20.64
CA ASP D 165 -27.13 14.12 19.36
C ASP D 165 -26.77 15.60 19.36
N ASN D 166 -26.78 16.25 20.53
CA ASN D 166 -26.44 17.66 20.64
C ASN D 166 -25.04 17.93 21.21
N GLN D 167 -24.29 16.91 21.61
CA GLN D 167 -22.97 17.14 22.18
C GLN D 167 -21.94 16.19 21.61
N ILE D 168 -20.79 16.73 21.20
CA ILE D 168 -19.69 15.97 20.66
C ILE D 168 -18.41 16.44 21.34
N VAL D 169 -17.60 15.50 21.80
CA VAL D 169 -16.25 15.79 22.28
C VAL D 169 -15.26 15.62 21.15
N THR D 170 -14.18 16.40 21.19
CA THR D 170 -13.17 16.45 20.15
C THR D 170 -11.80 16.57 20.79
N SER D 171 -10.80 16.04 20.10
CA SER D 171 -9.41 16.17 20.53
C SER D 171 -8.55 16.50 19.32
N SER D 172 -7.38 17.07 19.58
CA SER D 172 -6.66 17.70 18.49
C SER D 172 -5.15 17.66 18.69
N GLY D 173 -4.45 17.80 17.58
CA GLY D 173 -3.04 18.16 17.59
C GLY D 173 -2.72 19.42 18.37
N ASP D 174 -3.67 20.32 18.51
CA ASP D 174 -3.48 21.56 19.25
C ASP D 174 -3.29 21.38 20.74
N THR D 175 -3.17 20.14 21.22
CA THR D 175 -2.87 19.82 22.61
C THR D 175 -4.07 20.06 23.53
N THR D 176 -5.26 20.22 22.97
CA THR D 176 -6.47 20.41 23.77
C THR D 176 -7.56 19.45 23.32
N CYS D 177 -8.49 19.20 24.24
CA CYS D 177 -9.78 18.63 23.92
C CYS D 177 -10.87 19.67 24.14
N ALA D 178 -12.03 19.46 23.53
CA ALA D 178 -13.13 20.39 23.67
C ALA D 178 -14.47 19.68 23.55
N LEU D 179 -15.45 20.18 24.29
CA LEU D 179 -16.82 19.67 24.22
C LEU D 179 -17.69 20.72 23.55
N TRP D 180 -18.44 20.29 22.53
CA TRP D 180 -19.21 21.19 21.69
C TRP D 180 -20.70 21.02 21.96
N ASP D 181 -21.44 22.12 21.85
CA ASP D 181 -22.88 22.10 21.63
C ASP D 181 -23.15 22.21 20.13
N ILE D 182 -23.78 21.19 19.55
CA ILE D 182 -23.84 21.12 18.09
C ILE D 182 -24.89 22.09 17.55
N GLU D 183 -26.00 22.29 18.25
CA GLU D 183 -26.93 23.34 17.88
C GLU D 183 -26.31 24.72 17.99
N THR D 184 -25.54 24.96 19.06
CA THR D 184 -24.89 26.25 19.24
C THR D 184 -23.72 26.45 18.28
N GLY D 185 -22.99 25.38 17.96
CA GLY D 185 -21.82 25.53 17.13
C GLY D 185 -20.60 26.06 17.84
N GLN D 186 -20.53 25.92 19.16
CA GLN D 186 -19.52 26.60 19.96
C GLN D 186 -19.03 25.66 21.04
N GLN D 187 -17.77 25.86 21.42
CA GLN D 187 -17.16 25.13 22.54
C GLN D 187 -17.81 25.54 23.86
N THR D 188 -18.34 24.55 24.56
CA THR D 188 -18.85 24.76 25.91
C THR D 188 -17.78 24.58 26.98
N THR D 189 -16.74 23.80 26.67
CA THR D 189 -15.67 23.51 27.61
C THR D 189 -14.44 23.12 26.80
N THR D 190 -13.27 23.59 27.24
CA THR D 190 -12.01 23.16 26.68
C THR D 190 -11.14 22.50 27.74
N PHE D 191 -10.43 21.44 27.34
CA PHE D 191 -9.61 20.63 28.22
C PHE D 191 -8.17 20.80 27.78
N THR D 192 -7.32 21.34 28.66
CA THR D 192 -6.09 21.98 28.23
C THR D 192 -4.82 21.50 28.94
N GLY D 193 -4.92 20.62 29.92
CA GLY D 193 -3.77 20.23 30.72
C GLY D 193 -2.76 19.34 30.03
N HIS D 194 -3.04 18.88 28.81
CA HIS D 194 -2.05 18.11 28.06
C HIS D 194 -0.89 19.00 27.62
N THR D 195 0.19 18.35 27.18
CA THR D 195 1.37 19.06 26.70
C THR D 195 1.93 18.48 25.40
N GLY D 196 1.12 17.78 24.62
CA GLY D 196 1.47 17.38 23.27
C GLY D 196 0.20 17.03 22.52
N ASP D 197 0.37 16.68 21.24
CA ASP D 197 -0.77 16.31 20.40
C ASP D 197 -1.59 15.22 21.05
N VAL D 198 -2.87 15.50 21.31
CA VAL D 198 -3.80 14.48 21.76
C VAL D 198 -4.15 13.56 20.59
N MET D 199 -4.00 12.25 20.81
CA MET D 199 -4.19 11.29 19.73
C MET D 199 -5.54 10.59 19.76
N SER D 200 -6.14 10.37 20.93
CA SER D 200 -7.30 9.50 20.99
C SER D 200 -8.17 9.83 22.19
N LEU D 201 -9.47 9.54 22.05
CA LEU D 201 -10.47 9.72 23.08
C LEU D 201 -11.31 8.47 23.17
N SER D 202 -11.77 8.15 24.37
CA SER D 202 -12.98 7.35 24.50
C SER D 202 -13.85 7.88 25.64
N LEU D 203 -15.14 8.01 25.37
CA LEU D 203 -16.11 8.33 26.41
C LEU D 203 -16.31 7.13 27.33
N ALA D 204 -16.43 7.42 28.62
CA ALA D 204 -16.86 6.39 29.57
C ALA D 204 -18.26 5.92 29.22
N PRO D 205 -18.62 4.69 29.59
CA PRO D 205 -19.99 4.23 29.34
C PRO D 205 -21.05 5.16 29.91
N ASP D 206 -20.85 5.64 31.14
CA ASP D 206 -21.75 6.60 31.75
C ASP D 206 -21.70 7.97 31.09
N THR D 207 -20.73 8.21 30.21
CA THR D 207 -20.57 9.45 29.45
C THR D 207 -20.27 10.65 30.36
N ARG D 208 -20.16 10.43 31.66
CA ARG D 208 -19.80 11.52 32.56
C ARG D 208 -18.31 11.84 32.54
N LEU D 209 -17.47 10.96 31.99
CA LEU D 209 -16.03 11.17 31.94
C LEU D 209 -15.55 10.79 30.55
N PHE D 210 -14.35 11.25 30.21
CA PHE D 210 -13.62 10.69 29.08
C PHE D 210 -12.12 10.74 29.38
N VAL D 211 -11.37 9.91 28.65
CA VAL D 211 -9.92 9.85 28.75
C VAL D 211 -9.30 10.28 27.43
N SER D 212 -8.19 10.99 27.52
CA SER D 212 -7.40 11.42 26.36
C SER D 212 -5.97 10.94 26.51
N GLY D 213 -5.37 10.54 25.39
CA GLY D 213 -3.98 10.17 25.34
C GLY D 213 -3.26 11.07 24.35
N ALA D 214 -1.97 11.30 24.59
CA ALA D 214 -1.26 12.29 23.81
C ALA D 214 0.18 11.86 23.54
N CYS D 215 0.79 12.58 22.60
CA CYS D 215 2.19 12.41 22.23
C CYS D 215 3.13 12.63 23.40
N ASP D 216 2.70 13.32 24.44
CA ASP D 216 3.49 13.48 25.65
C ASP D 216 3.70 12.17 26.42
N ALA D 217 3.19 11.04 25.92
CA ALA D 217 3.28 9.74 26.56
C ALA D 217 2.45 9.63 27.83
N SER D 218 1.46 10.50 28.01
CA SER D 218 0.62 10.45 29.20
C SER D 218 -0.84 10.33 28.81
N ALA D 219 -1.67 9.91 29.77
CA ALA D 219 -3.11 9.89 29.62
C ALA D 219 -3.73 10.74 30.72
N LYS D 220 -4.86 11.35 30.41
CA LYS D 220 -5.56 12.21 31.36
C LYS D 220 -7.06 11.94 31.37
N LEU D 221 -7.63 11.92 32.56
CA LEU D 221 -9.07 11.75 32.77
C LEU D 221 -9.71 13.11 32.95
N TRP D 222 -10.89 13.29 32.34
CA TRP D 222 -11.57 14.57 32.32
C TRP D 222 -13.00 14.40 32.80
N ASP D 223 -13.51 15.44 33.46
CA ASP D 223 -14.93 15.54 33.78
C ASP D 223 -15.57 16.54 32.82
N VAL D 224 -16.48 16.05 31.99
CA VAL D 224 -17.12 16.90 30.99
C VAL D 224 -17.95 18.01 31.63
N ARG D 225 -18.47 17.78 32.84
CA ARG D 225 -19.23 18.81 33.53
C ARG D 225 -18.38 19.88 34.20
N GLU D 226 -17.07 19.67 34.32
CA GLU D 226 -16.22 20.59 35.07
C GLU D 226 -15.09 21.18 34.24
N GLY D 227 -14.61 20.48 33.22
CA GLY D 227 -13.39 20.85 32.52
C GLY D 227 -12.11 20.54 33.26
N MET D 228 -12.19 20.03 34.48
CA MET D 228 -11.00 19.73 35.26
C MET D 228 -10.39 18.40 34.83
N CYS D 229 -9.06 18.38 34.69
CA CYS D 229 -8.34 17.10 34.68
C CYS D 229 -8.40 16.47 36.06
N ARG D 230 -9.17 15.40 36.18
CA ARG D 230 -9.24 14.68 37.45
C ARG D 230 -7.97 13.90 37.74
N GLN D 231 -7.28 13.40 36.72
CA GLN D 231 -6.24 12.40 36.94
C GLN D 231 -5.36 12.32 35.71
N THR D 232 -4.06 12.13 35.93
CA THR D 232 -3.09 11.90 34.86
C THR D 232 -2.26 10.64 35.09
N PHE D 233 -1.96 9.93 34.01
CA PHE D 233 -1.29 8.64 34.06
C PHE D 233 -0.14 8.68 33.07
N THR D 234 1.01 8.13 33.45
CA THR D 234 2.29 8.52 32.86
C THR D 234 3.16 7.32 32.49
N GLY D 235 2.62 6.11 32.59
CA GLY D 235 3.45 4.92 32.55
C GLY D 235 4.22 4.71 31.26
N HIS D 236 3.65 5.10 30.12
CA HIS D 236 4.26 4.82 28.84
C HIS D 236 5.59 5.53 28.65
N GLU D 237 6.53 4.83 28.01
CA GLU D 237 7.83 5.36 27.62
C GLU D 237 7.79 6.18 26.34
N SER D 238 6.73 6.07 25.54
CA SER D 238 6.66 6.79 24.28
C SER D 238 5.24 7.21 23.96
N ASP D 239 5.13 8.03 22.93
CA ASP D 239 3.90 8.55 22.35
C ASP D 239 2.76 7.53 22.35
N ILE D 240 1.59 7.98 22.81
CA ILE D 240 0.40 7.14 22.96
C ILE D 240 -0.54 7.43 21.80
N ASN D 241 -0.92 6.38 21.06
CA ASN D 241 -1.76 6.53 19.88
C ASN D 241 -3.24 6.26 20.12
N ALA D 242 -3.60 5.48 21.13
CA ALA D 242 -4.95 4.92 21.17
C ALA D 242 -5.43 4.78 22.61
N ILE D 243 -6.71 5.03 22.82
CA ILE D 243 -7.37 4.85 24.11
C ILE D 243 -8.64 4.05 23.86
N CYS D 244 -9.00 3.20 24.82
CA CYS D 244 -10.37 2.71 24.96
C CYS D 244 -10.67 2.51 26.43
N PHE D 245 -11.88 2.86 26.84
CA PHE D 245 -12.38 2.41 28.14
C PHE D 245 -12.64 0.91 28.17
N PHE D 246 -12.14 0.26 29.21
CA PHE D 246 -12.63 -1.06 29.58
C PHE D 246 -14.12 -0.98 29.88
N PRO D 247 -14.91 -1.98 29.48
CA PRO D 247 -16.37 -1.79 29.44
C PRO D 247 -17.00 -1.42 30.79
N ASN D 248 -16.30 -1.64 31.90
CA ASN D 248 -16.82 -1.23 33.20
C ASN D 248 -16.65 0.27 33.46
N GLY D 249 -15.91 0.98 32.62
CA GLY D 249 -15.67 2.39 32.81
C GLY D 249 -14.72 2.73 33.93
N ASN D 250 -14.18 1.74 34.63
CA ASN D 250 -13.25 1.96 35.72
C ASN D 250 -11.81 1.77 35.30
N ALA D 251 -11.56 1.36 34.06
CA ALA D 251 -10.22 1.14 33.57
C ALA D 251 -10.18 1.49 32.08
N PHE D 252 -8.97 1.71 31.58
CA PHE D 252 -8.78 1.96 30.16
C PHE D 252 -7.43 1.43 29.71
N ALA D 253 -7.36 1.08 28.43
CA ALA D 253 -6.13 0.58 27.80
C ALA D 253 -5.49 1.67 26.95
N THR D 254 -4.17 1.75 27.02
CA THR D 254 -3.41 2.73 26.26
C THR D 254 -2.52 2.01 25.27
N GLY D 255 -2.78 2.21 23.97
CA GLY D 255 -1.92 1.71 22.93
C GLY D 255 -0.97 2.80 22.51
N SER D 256 0.33 2.48 22.51
CA SER D 256 1.34 3.49 22.23
C SER D 256 2.35 2.96 21.21
N ASP D 257 3.13 3.90 20.67
CA ASP D 257 4.44 3.60 20.13
C ASP D 257 5.33 3.02 21.23
N ASP D 258 6.46 2.46 20.82
CA ASP D 258 7.22 1.50 21.63
C ASP D 258 6.34 0.31 22.02
N ALA D 259 5.65 -0.23 21.02
CA ALA D 259 5.12 -1.58 20.97
C ALA D 259 4.49 -2.12 22.25
N THR D 260 3.75 -1.29 22.99
CA THR D 260 3.23 -1.74 24.27
C THR D 260 1.79 -1.29 24.42
N CYS D 261 0.98 -2.15 25.02
CA CYS D 261 -0.28 -1.76 25.64
C CYS D 261 -0.10 -1.69 27.15
N ARG D 262 -0.83 -0.78 27.78
CA ARG D 262 -0.88 -0.68 29.23
C ARG D 262 -2.32 -0.44 29.67
N LEU D 263 -2.71 -1.07 30.76
CA LEU D 263 -4.03 -0.89 31.34
C LEU D 263 -3.90 -0.11 32.63
N PHE D 264 -4.73 0.92 32.79
CA PHE D 264 -4.77 1.76 33.97
C PHE D 264 -6.14 1.64 34.61
N ASP D 265 -6.18 1.71 35.93
CA ASP D 265 -7.44 1.86 36.65
C ASP D 265 -7.43 3.18 37.41
N LEU D 266 -8.52 3.94 37.25
CA LEU D 266 -8.62 5.28 37.83
C LEU D 266 -8.50 5.22 39.35
N ARG D 267 -9.26 4.32 39.97
CA ARG D 267 -9.27 4.20 41.43
C ARG D 267 -7.93 3.71 41.97
N ALA D 268 -7.19 2.94 41.18
CA ALA D 268 -5.83 2.56 41.56
C ALA D 268 -4.84 3.69 41.34
N ASP D 269 -5.11 4.57 40.37
CA ASP D 269 -4.16 5.59 39.91
C ASP D 269 -2.83 4.99 39.48
N GLN D 270 -2.84 3.80 38.88
CA GLN D 270 -1.60 3.11 38.58
C GLN D 270 -1.82 2.19 37.38
N GLU D 271 -0.74 1.92 36.66
CA GLU D 271 -0.71 0.87 35.64
C GLU D 271 -0.88 -0.48 36.29
N LEU D 272 -1.99 -1.15 36.00
CA LEU D 272 -2.16 -2.54 36.45
C LEU D 272 -1.24 -3.49 35.68
N MET D 273 -1.24 -3.42 34.36
CA MET D 273 -0.48 -4.36 33.55
C MET D 273 0.04 -3.66 32.30
N THR D 274 1.18 -4.15 31.80
CA THR D 274 1.60 -3.93 30.43
C THR D 274 1.51 -5.22 29.62
N TYR D 275 0.96 -5.11 28.42
CA TYR D 275 0.91 -6.22 27.47
C TYR D 275 1.98 -6.00 26.42
N SER D 276 2.95 -6.92 26.36
CA SER D 276 4.12 -6.73 25.53
C SER D 276 4.70 -8.09 25.17
N HIS D 277 5.49 -8.11 24.10
CA HIS D 277 6.22 -9.29 23.71
C HIS D 277 7.48 -8.87 22.97
N ASP D 278 8.55 -9.66 23.11
CA ASP D 278 9.80 -9.32 22.45
C ASP D 278 9.67 -9.28 20.93
N ASN D 279 8.75 -10.07 20.38
CA ASN D 279 8.60 -10.13 18.92
C ASN D 279 8.01 -8.86 18.32
N ILE D 280 7.26 -8.06 19.08
CA ILE D 280 6.55 -6.92 18.53
C ILE D 280 7.39 -5.66 18.66
N ILE D 281 7.67 -5.02 17.53
CA ILE D 281 8.42 -3.79 17.49
C ILE D 281 7.54 -2.61 17.10
N CYS D 282 6.51 -2.84 16.29
CA CYS D 282 5.61 -1.81 15.80
C CYS D 282 4.78 -1.22 16.94
N GLY D 283 4.44 0.07 16.77
CA GLY D 283 3.54 0.73 17.69
C GLY D 283 2.08 0.29 17.51
N ILE D 284 1.32 0.45 18.59
CA ILE D 284 -0.11 0.18 18.58
C ILE D 284 -0.83 1.31 17.88
N THR D 285 -1.66 0.96 16.88
CA THR D 285 -2.44 1.97 16.16
C THR D 285 -3.79 2.24 16.82
N SER D 286 -4.37 1.26 17.51
CA SER D 286 -5.78 1.27 17.89
C SER D 286 -6.02 0.14 18.88
N VAL D 287 -7.00 0.34 19.76
CA VAL D 287 -7.36 -0.66 20.77
C VAL D 287 -8.87 -0.63 20.99
N SER D 288 -9.40 -1.77 21.42
CA SER D 288 -10.80 -1.90 21.84
C SER D 288 -10.93 -3.17 22.66
N PHE D 289 -12.06 -3.28 23.37
CA PHE D 289 -12.34 -4.43 24.22
C PHE D 289 -13.58 -5.18 23.75
N SER D 290 -13.57 -6.50 23.96
CA SER D 290 -14.78 -7.29 23.88
C SER D 290 -15.75 -6.86 24.99
N LYS D 291 -17.02 -7.23 24.82
CA LYS D 291 -18.04 -6.75 25.73
C LYS D 291 -17.81 -7.21 27.17
N SER D 292 -17.17 -8.37 27.35
CA SER D 292 -16.79 -8.78 28.70
C SER D 292 -15.59 -8.01 29.24
N GLY D 293 -14.86 -7.30 28.38
CA GLY D 293 -13.59 -6.71 28.75
C GLY D 293 -12.39 -7.64 28.77
N ARG D 294 -12.58 -8.95 28.69
CA ARG D 294 -11.44 -9.86 28.81
C ARG D 294 -10.52 -9.77 27.60
N LEU D 295 -11.08 -9.82 26.39
CA LEU D 295 -10.27 -9.61 25.21
C LEU D 295 -10.01 -8.11 25.02
N LEU D 296 -8.73 -7.76 24.98
CA LEU D 296 -8.26 -6.50 24.43
C LEU D 296 -7.71 -6.75 23.03
N LEU D 297 -8.18 -5.98 22.07
CA LEU D 297 -7.79 -6.15 20.69
C LEU D 297 -7.02 -4.92 20.24
N ALA D 298 -5.91 -5.13 19.54
CA ALA D 298 -5.01 -4.05 19.21
C ALA D 298 -4.52 -4.17 17.77
N GLY D 299 -4.50 -3.03 17.08
CA GLY D 299 -3.98 -2.93 15.73
C GLY D 299 -2.53 -2.46 15.74
N TYR D 300 -1.76 -2.89 14.75
CA TYR D 300 -0.33 -2.64 14.73
C TYR D 300 0.13 -2.24 13.34
N ASP D 301 1.30 -1.59 13.30
CA ASP D 301 2.01 -1.24 12.06
C ASP D 301 2.42 -2.47 11.26
N ASP D 302 2.37 -3.67 11.83
CA ASP D 302 2.82 -4.89 11.20
C ASP D 302 1.99 -5.31 9.99
N PHE D 303 0.96 -4.55 9.62
CA PHE D 303 -0.12 -5.01 8.74
C PHE D 303 -0.91 -6.14 9.37
N ASN D 304 -0.86 -6.19 10.69
CA ASN D 304 -1.36 -7.31 11.49
C ASN D 304 -2.04 -6.71 12.70
N CYS D 305 -3.12 -7.34 13.15
CA CYS D 305 -3.69 -7.01 14.44
C CYS D 305 -3.94 -8.28 15.23
N ASN D 306 -3.72 -8.20 16.54
CA ASN D 306 -3.57 -9.36 17.40
C ASN D 306 -4.17 -9.04 18.75
N VAL D 307 -4.65 -10.08 19.42
CA VAL D 307 -5.74 -9.99 20.39
C VAL D 307 -5.24 -10.55 21.71
N TRP D 308 -5.57 -9.85 22.78
CA TRP D 308 -4.87 -9.94 24.06
C TRP D 308 -5.91 -10.20 25.13
N ASP D 309 -5.49 -10.93 26.16
CA ASP D 309 -6.36 -11.22 27.29
C ASP D 309 -5.89 -10.36 28.45
N ALA D 310 -6.76 -9.45 28.88
CA ALA D 310 -6.33 -8.40 29.78
C ALA D 310 -6.03 -8.93 31.17
N LEU D 311 -6.52 -10.12 31.51
CA LEU D 311 -6.25 -10.70 32.82
C LEU D 311 -4.96 -11.51 32.83
N LYS D 312 -4.80 -12.44 31.88
CA LYS D 312 -3.55 -13.17 31.76
C LYS D 312 -2.40 -12.29 31.27
N ALA D 313 -2.71 -11.11 30.71
CA ALA D 313 -1.70 -10.18 30.19
C ALA D 313 -0.87 -10.79 29.06
N ASP D 314 -1.43 -11.74 28.31
CA ASP D 314 -0.67 -12.40 27.26
C ASP D 314 -1.59 -12.65 26.07
N ARG D 315 -1.00 -12.66 24.88
CA ARG D 315 -1.79 -12.61 23.66
C ARG D 315 -2.44 -13.96 23.38
N ALA D 316 -3.68 -13.92 22.94
CA ALA D 316 -4.51 -15.10 22.76
C ALA D 316 -4.96 -15.33 21.33
N GLY D 317 -4.68 -14.41 20.41
CA GLY D 317 -5.00 -14.66 19.01
C GLY D 317 -4.41 -13.59 18.13
N VAL D 318 -4.39 -13.88 16.84
CA VAL D 318 -3.89 -12.98 15.81
C VAL D 318 -4.83 -13.04 14.60
N LEU D 319 -5.18 -11.88 14.06
CA LEU D 319 -6.08 -11.81 12.92
C LEU D 319 -5.31 -11.89 11.60
N ALA D 320 -4.28 -11.07 11.43
CA ALA D 320 -3.34 -11.16 10.30
C ALA D 320 -4.02 -11.15 8.93
N GLY D 321 -5.22 -10.58 8.81
CA GLY D 321 -5.92 -10.59 7.54
C GLY D 321 -5.50 -9.52 6.56
N HIS D 322 -4.79 -8.50 7.02
CA HIS D 322 -4.44 -7.35 6.21
C HIS D 322 -3.01 -7.44 5.67
N ASP D 323 -2.69 -6.55 4.74
CA ASP D 323 -1.36 -6.46 4.18
C ASP D 323 -0.76 -5.06 4.27
N ASN D 324 -1.45 -4.13 4.91
CA ASN D 324 -0.87 -2.86 5.33
C ASN D 324 -1.54 -2.50 6.65
N ARG D 325 -0.89 -1.62 7.42
CA ARG D 325 -1.11 -1.60 8.86
C ARG D 325 -2.58 -1.43 9.20
N VAL D 326 -3.02 -2.15 10.23
CA VAL D 326 -4.36 -2.00 10.79
C VAL D 326 -4.43 -0.66 11.51
N SER D 327 -5.24 0.26 10.98
CA SER D 327 -5.32 1.61 11.48
C SER D 327 -6.41 1.81 12.53
N CYS D 328 -7.47 1.00 12.47
CA CYS D 328 -8.62 1.21 13.35
C CYS D 328 -9.33 -0.11 13.58
N LEU D 329 -10.04 -0.19 14.70
CA LEU D 329 -10.54 -1.46 15.21
C LEU D 329 -11.73 -1.16 16.11
N GLY D 330 -12.87 -1.78 15.82
CA GLY D 330 -14.09 -1.55 16.59
C GLY D 330 -14.87 -2.81 16.89
N VAL D 331 -15.35 -2.94 18.13
CA VAL D 331 -16.17 -4.06 18.54
C VAL D 331 -17.62 -3.58 18.70
N THR D 332 -18.56 -4.38 18.20
CA THR D 332 -19.97 -4.04 18.27
C THR D 332 -20.41 -3.88 19.72
N ASP D 333 -21.47 -3.10 19.93
CA ASP D 333 -21.99 -2.91 21.27
C ASP D 333 -22.60 -4.19 21.83
N ASP D 334 -23.00 -5.14 20.99
CA ASP D 334 -23.37 -6.46 21.46
C ASP D 334 -22.19 -7.43 21.53
N GLY D 335 -21.03 -7.04 21.01
CA GLY D 335 -19.88 -7.92 20.99
C GLY D 335 -19.96 -9.03 19.97
N MET D 336 -20.97 -9.03 19.10
CA MET D 336 -21.12 -10.07 18.10
C MET D 336 -20.03 -10.07 17.05
N ALA D 337 -19.38 -8.94 16.80
CA ALA D 337 -18.26 -8.93 15.86
C ALA D 337 -17.24 -7.89 16.28
N VAL D 338 -16.02 -8.07 15.78
CA VAL D 338 -15.02 -7.01 15.73
C VAL D 338 -14.73 -6.72 14.27
N ALA D 339 -14.51 -5.44 13.96
CA ALA D 339 -14.14 -4.99 12.63
C ALA D 339 -12.79 -4.28 12.69
N THR D 340 -12.00 -4.42 11.64
CA THR D 340 -10.67 -3.83 11.59
C THR D 340 -10.48 -3.15 10.25
N GLY D 341 -10.27 -1.85 10.29
CA GLY D 341 -9.85 -1.12 9.11
C GLY D 341 -8.34 -1.01 9.08
N SER D 342 -7.80 -0.95 7.88
CA SER D 342 -6.36 -0.93 7.69
C SER D 342 -5.99 0.08 6.62
N TRP D 343 -4.69 0.26 6.45
CA TRP D 343 -4.21 1.12 5.38
C TRP D 343 -4.57 0.49 4.04
N ASP D 344 -4.54 -0.83 3.97
CA ASP D 344 -5.10 -1.48 2.79
C ASP D 344 -6.58 -1.20 2.91
N SER D 345 -7.20 -0.77 1.83
CA SER D 345 -8.51 -0.15 1.92
C SER D 345 -9.65 -1.14 2.18
N PHE D 346 -9.38 -2.43 2.26
CA PHE D 346 -10.42 -3.35 2.67
C PHE D 346 -10.69 -3.21 4.16
N LEU D 347 -11.96 -3.29 4.52
CA LEU D 347 -12.41 -3.28 5.91
C LEU D 347 -13.01 -4.65 6.23
N LYS D 348 -12.38 -5.37 7.16
CA LYS D 348 -12.71 -6.76 7.42
C LYS D 348 -13.49 -6.90 8.73
N ILE D 349 -14.53 -7.74 8.70
CA ILE D 349 -15.38 -8.03 9.85
C ILE D 349 -15.07 -9.43 10.33
N TRP D 350 -14.85 -9.59 11.63
CA TRP D 350 -14.39 -10.84 12.23
C TRP D 350 -15.37 -11.30 13.29
N ASN D 351 -15.55 -12.61 13.38
CA ASN D 351 -16.25 -13.20 14.52
C ASN D 351 -15.73 -14.61 14.79
N GLN E 11 3.56 29.41 34.32
CA GLN E 11 2.96 28.11 34.00
C GLN E 11 2.76 27.26 35.25
N ALA E 12 3.86 27.05 35.98
CA ALA E 12 3.88 26.03 37.03
C ALA E 12 2.91 26.31 38.16
N ARG E 13 2.52 27.57 38.37
CA ARG E 13 1.52 27.90 39.39
C ARG E 13 0.18 27.20 39.11
N LYS E 14 -0.16 26.98 37.85
CA LYS E 14 -1.32 26.15 37.52
C LYS E 14 -1.01 24.66 37.63
N LEU E 15 0.21 24.27 37.28
CA LEU E 15 0.58 22.86 37.35
C LEU E 15 0.50 22.33 38.78
N VAL E 16 1.08 23.05 39.74
CA VAL E 16 0.96 22.67 41.15
C VAL E 16 -0.49 22.68 41.62
N GLU E 17 -1.32 23.56 41.07
CA GLU E 17 -2.76 23.53 41.40
C GLU E 17 -3.44 22.27 40.89
N GLN E 18 -3.04 21.78 39.72
CA GLN E 18 -3.53 20.49 39.23
C GLN E 18 -3.01 19.32 40.07
N LEU E 19 -1.71 19.29 40.32
CA LEU E 19 -1.14 18.21 41.12
C LEU E 19 -1.68 18.17 42.54
N LYS E 20 -2.07 19.32 43.10
CA LYS E 20 -2.78 19.31 44.38
C LYS E 20 -4.10 18.53 44.29
N MET E 21 -4.85 18.73 43.20
CA MET E 21 -6.05 17.94 42.94
C MET E 21 -5.76 16.46 42.77
N GLU E 22 -4.63 16.12 42.16
CA GLU E 22 -4.31 14.71 41.93
C GLU E 22 -3.68 14.02 43.15
N ALA E 23 -2.97 14.76 43.99
CA ALA E 23 -2.47 14.25 45.27
C ALA E 23 -3.60 13.93 46.25
N ASN E 24 -4.61 14.80 46.33
CA ASN E 24 -5.74 14.61 47.23
C ASN E 24 -6.82 13.68 46.69
N ILE E 25 -6.60 13.03 45.55
CA ILE E 25 -7.62 12.12 45.01
C ILE E 25 -7.80 10.93 45.94
N ASP E 26 -9.01 10.39 45.94
CA ASP E 26 -9.30 9.12 46.61
C ASP E 26 -8.70 7.94 45.85
N ARG E 27 -8.28 6.93 46.60
CA ARG E 27 -7.50 5.82 46.07
C ARG E 27 -7.93 4.53 46.75
N ILE E 28 -7.71 3.41 46.06
CA ILE E 28 -7.94 2.09 46.62
C ILE E 28 -6.72 1.22 46.34
N LYS E 29 -6.56 0.18 47.16
CA LYS E 29 -5.50 -0.80 46.94
C LYS E 29 -5.66 -1.46 45.58
N VAL E 30 -4.53 -1.59 44.86
CA VAL E 30 -4.53 -2.07 43.48
C VAL E 30 -5.01 -3.52 43.40
N SER E 31 -4.80 -4.30 44.46
CA SER E 31 -5.36 -5.65 44.51
C SER E 31 -6.88 -5.64 44.40
N LYS E 32 -7.54 -4.73 45.11
CA LYS E 32 -8.99 -4.61 45.01
C LYS E 32 -9.43 -4.19 43.61
N ALA E 33 -8.76 -3.21 43.01
CA ALA E 33 -9.07 -2.82 41.63
C ALA E 33 -8.92 -3.98 40.66
N ALA E 34 -7.80 -4.70 40.76
CA ALA E 34 -7.56 -5.86 39.90
C ALA E 34 -8.61 -6.94 40.07
N ALA E 35 -8.96 -7.26 41.32
CA ALA E 35 -9.97 -8.27 41.58
C ALA E 35 -11.34 -7.83 41.09
N ASP E 36 -11.68 -6.56 41.25
CA ASP E 36 -12.95 -6.07 40.69
C ASP E 36 -12.97 -6.13 39.16
N LEU E 37 -11.85 -5.82 38.52
CA LEU E 37 -11.76 -5.91 37.06
C LEU E 37 -11.95 -7.34 36.56
N MET E 38 -11.28 -8.30 37.22
CA MET E 38 -11.51 -9.69 36.84
C MET E 38 -12.92 -10.16 37.21
N ALA E 39 -13.48 -9.65 38.31
CA ALA E 39 -14.85 -10.04 38.66
C ALA E 39 -15.83 -9.55 37.61
N TYR E 40 -15.59 -8.35 37.07
CA TYR E 40 -16.38 -7.87 35.94
C TYR E 40 -16.25 -8.80 34.74
N CYS E 41 -15.02 -9.15 34.37
CA CYS E 41 -14.81 -10.06 33.25
C CYS E 41 -15.53 -11.38 33.46
N GLU E 42 -15.37 -11.98 34.64
CA GLU E 42 -16.02 -13.25 34.96
C GLU E 42 -17.54 -13.16 34.93
N ALA E 43 -18.10 -12.06 35.44
CA ALA E 43 -19.55 -11.88 35.43
C ALA E 43 -20.12 -11.81 34.01
N HIS E 44 -19.37 -11.28 33.05
CA HIS E 44 -19.82 -11.21 31.66
C HIS E 44 -19.20 -12.29 30.77
N ALA E 45 -18.51 -13.26 31.35
CA ALA E 45 -17.69 -14.19 30.57
C ALA E 45 -18.52 -15.03 29.60
N LYS E 46 -19.81 -15.21 29.85
CA LYS E 46 -20.71 -15.91 28.94
C LYS E 46 -21.41 -14.99 27.96
N GLU E 47 -21.19 -13.69 28.06
CA GLU E 47 -21.99 -12.71 27.33
C GLU E 47 -21.49 -12.48 25.91
N ASP E 48 -20.17 -12.49 25.70
CA ASP E 48 -19.58 -11.89 24.50
C ASP E 48 -19.06 -12.93 23.54
N PRO E 49 -19.61 -12.95 22.32
CA PRO E 49 -19.30 -14.02 21.35
C PRO E 49 -17.82 -14.18 21.02
N LEU E 50 -17.03 -13.10 21.04
CA LEU E 50 -15.61 -13.23 20.74
C LEU E 50 -14.88 -14.08 21.77
N LEU E 51 -15.33 -14.06 23.02
CA LEU E 51 -14.76 -14.95 24.03
C LEU E 51 -15.37 -16.35 23.93
N THR E 52 -16.70 -16.45 23.81
CA THR E 52 -17.42 -17.72 23.74
C THR E 52 -18.24 -17.75 22.46
N PRO E 53 -17.69 -18.27 21.36
CA PRO E 53 -18.32 -18.12 20.06
C PRO E 53 -19.76 -18.61 20.03
N VAL E 54 -20.64 -17.76 19.48
CA VAL E 54 -22.08 -18.04 19.43
C VAL E 54 -22.36 -19.17 18.45
N PRO E 55 -23.47 -19.89 18.58
CA PRO E 55 -23.87 -20.84 17.54
C PRO E 55 -24.18 -20.13 16.23
N ALA E 56 -23.79 -20.78 15.12
CA ALA E 56 -23.91 -20.16 13.80
C ALA E 56 -25.35 -19.86 13.44
N SER E 57 -26.31 -20.50 14.11
CA SER E 57 -27.72 -20.15 13.94
C SER E 57 -28.04 -18.77 14.48
N GLU E 58 -27.30 -18.30 15.48
CA GLU E 58 -27.51 -16.99 16.07
C GLU E 58 -26.56 -15.93 15.54
N ASN E 59 -25.32 -16.30 15.23
CA ASN E 59 -24.36 -15.36 14.67
C ASN E 59 -24.85 -14.88 13.31
N PRO E 60 -25.10 -13.58 13.14
CA PRO E 60 -25.58 -13.08 11.84
C PRO E 60 -24.49 -12.96 10.80
N PHE E 61 -23.22 -13.11 11.15
CA PHE E 61 -22.13 -13.04 10.19
C PHE E 61 -21.72 -14.42 9.70
#